data_1R5W
#
_entry.id   1R5W
#
_cell.length_a   116.132
_cell.length_b   116.132
_cell.length_c   85.935
_cell.angle_alpha   90.00
_cell.angle_beta   90.00
_cell.angle_gamma   90.00
#
_symmetry.space_group_name_H-M   'P 41'
#
loop_
_entity.id
_entity.type
_entity.pdbx_description
1 polymer 'H-2 class II histocompatibility antigen, E-K alpha chain'
2 polymer 'MHC H2-IE-beta'
3 polymer 'artificial peptide'
#
loop_
_entity_poly.entity_id
_entity_poly.type
_entity_poly.pdbx_seq_one_letter_code
_entity_poly.pdbx_strand_id
1 'polypeptide(L)'
;EEHTIIQAEFYLLPDKRGEFMFDFDGDEIFHVDIEKSETIWRLEEFAKFASFEAQGALANIAVDKANLDVMKERSNNTPD
ANVAPEVTVLSRSPVNLGEPNILICFIDKFSPPVVNVTWLRNGRPVTEGVSETVFLPRDDHLFRKFHYLTFLPSTDDFYD
CEVDHWGLEEPLRKHWEFEE
;
A,C
2 'polypeptide(L)'
;APWFLEYSKSECHFYNGTQRVRLLVRYFYNLEENLRFDSDVGEFRAVTELGRPDAENWNSQPEFLEQKRAEVDTVCRHNY
EIFDNFLVPRRVEPTVTVYPTKTQPLEHHNLLVCSVSDFYPGNIEVRWFRNGKEEKTGIVSTGLVRNGDWTFQTLVMLET
VPQSGEVYTCQVEHPSLTDPVTVEW
;
B,D
3 'polypeptide(L)' ADLIAYFKAATKF E,F
#
# COMPACT_ATOMS: atom_id res chain seq x y z
N GLU A 1 -5.40 3.06 32.27
CA GLU A 1 -4.55 2.38 31.26
C GLU A 1 -3.55 3.36 30.64
N GLU A 2 -2.29 2.93 30.51
CA GLU A 2 -1.24 3.74 29.89
C GLU A 2 -0.44 2.79 28.98
N HIS A 3 -0.70 2.84 27.68
CA HIS A 3 -0.01 1.95 26.77
C HIS A 3 0.49 2.63 25.51
N THR A 4 1.45 1.98 24.84
CA THR A 4 2.02 2.53 23.63
C THR A 4 2.10 1.48 22.54
N ILE A 5 1.70 1.88 21.34
CA ILE A 5 1.75 0.97 20.22
C ILE A 5 2.52 1.65 19.12
N ILE A 6 3.73 1.14 18.88
CA ILE A 6 4.60 1.72 17.86
C ILE A 6 4.75 0.83 16.62
N GLN A 7 4.66 1.47 15.46
CA GLN A 7 4.83 0.76 14.21
C GLN A 7 6.04 1.38 13.58
N ALA A 8 7.12 0.63 13.51
CA ALA A 8 8.32 1.17 12.92
C ALA A 8 8.73 0.45 11.65
N GLU A 9 9.27 1.23 10.70
CA GLU A 9 9.72 0.70 9.42
C GLU A 9 10.82 1.58 8.90
N PHE A 10 11.60 1.03 7.96
CA PHE A 10 12.68 1.82 7.39
C PHE A 10 13.38 1.07 6.28
N TYR A 11 14.19 1.79 5.51
CA TYR A 11 14.96 1.19 4.46
C TYR A 11 16.35 1.77 4.58
N LEU A 12 17.36 0.95 4.39
CA LEU A 12 18.73 1.42 4.52
C LEU A 12 19.54 1.27 3.24
N LEU A 13 20.64 1.99 3.19
CA LEU A 13 21.51 1.93 2.03
C LEU A 13 22.91 2.31 2.49
N PRO A 14 23.95 1.73 1.88
CA PRO A 14 24.00 0.73 0.81
C PRO A 14 23.36 -0.62 1.08
N ASP A 15 23.47 -1.07 2.32
CA ASP A 15 22.95 -2.36 2.78
C ASP A 15 21.72 -2.87 2.04
N LYS A 16 20.87 -1.97 1.54
CA LYS A 16 19.66 -2.38 0.83
C LYS A 16 18.72 -3.22 1.71
N ARG A 17 18.68 -2.93 3.00
CA ARG A 17 17.83 -3.66 3.92
C ARG A 17 16.65 -2.84 4.46
N GLY A 18 15.51 -3.49 4.61
CA GLY A 18 14.35 -2.80 5.12
C GLY A 18 13.78 -3.55 6.31
N GLU A 19 12.87 -2.90 7.02
CA GLU A 19 12.25 -3.51 8.19
C GLU A 19 10.87 -2.93 8.34
N PHE A 20 10.03 -3.67 9.06
CA PHE A 20 8.68 -3.26 9.38
C PHE A 20 8.35 -4.06 10.61
N MET A 21 7.82 -3.40 11.64
CA MET A 21 7.49 -4.13 12.87
C MET A 21 6.55 -3.38 13.78
N PHE A 22 6.01 -4.09 14.76
CA PHE A 22 5.11 -3.51 15.73
C PHE A 22 5.66 -3.71 17.15
N ASP A 23 5.52 -2.66 17.97
CA ASP A 23 5.97 -2.69 19.35
C ASP A 23 4.82 -2.33 20.30
N PHE A 24 4.74 -3.04 21.43
CA PHE A 24 3.70 -2.77 22.42
C PHE A 24 4.28 -2.64 23.82
N ASP A 25 4.46 -1.39 24.24
CA ASP A 25 4.99 -1.11 25.57
C ASP A 25 6.46 -1.53 25.67
N GLY A 26 7.23 -1.22 24.63
CA GLY A 26 8.64 -1.54 24.62
C GLY A 26 9.04 -2.94 24.17
N ASP A 27 8.06 -3.79 23.85
CA ASP A 27 8.33 -5.16 23.40
C ASP A 27 7.88 -5.36 21.96
N GLU A 28 8.54 -6.25 21.23
CA GLU A 28 8.16 -6.54 19.85
C GLU A 28 6.91 -7.43 19.80
N ILE A 29 5.92 -7.07 18.99
CA ILE A 29 4.73 -7.92 18.88
C ILE A 29 5.00 -8.87 17.72
N PHE A 30 5.67 -8.35 16.70
CA PHE A 30 6.02 -9.12 15.52
C PHE A 30 6.68 -8.21 14.50
N HIS A 31 7.25 -8.82 13.47
CA HIS A 31 7.83 -8.05 12.38
C HIS A 31 7.55 -8.82 11.09
N VAL A 32 7.91 -8.23 9.97
CA VAL A 32 7.66 -8.87 8.68
C VAL A 32 8.92 -9.26 7.96
N ASP A 33 9.01 -10.54 7.65
CA ASP A 33 10.17 -11.04 6.94
C ASP A 33 10.11 -10.54 5.50
N ILE A 34 10.87 -9.48 5.22
CA ILE A 34 10.91 -8.87 3.89
C ILE A 34 11.04 -9.98 2.85
N GLU A 35 12.18 -10.67 2.89
CA GLU A 35 12.50 -11.77 1.99
C GLU A 35 11.41 -12.80 1.81
N LYS A 36 11.01 -13.42 2.92
CA LYS A 36 10.00 -14.48 2.93
C LYS A 36 8.59 -13.94 2.87
N SER A 37 8.43 -12.62 2.83
CA SER A 37 7.08 -12.05 2.75
C SER A 37 6.12 -12.67 3.77
N GLU A 38 6.57 -12.91 5.00
CA GLU A 38 5.71 -13.50 6.02
C GLU A 38 5.81 -12.79 7.36
N THR A 39 4.79 -13.01 8.18
CA THR A 39 4.71 -12.41 9.50
C THR A 39 5.38 -13.26 10.57
N ILE A 40 6.27 -12.64 11.34
CA ILE A 40 6.97 -13.36 12.40
C ILE A 40 6.57 -12.83 13.78
N TRP A 41 5.86 -13.65 14.54
CA TRP A 41 5.44 -13.23 15.86
C TRP A 41 6.63 -13.35 16.78
N ARG A 42 6.76 -12.43 17.73
CA ARG A 42 7.88 -12.48 18.64
C ARG A 42 7.65 -13.62 19.63
N LEU A 43 6.39 -14.03 19.78
CA LEU A 43 6.01 -15.15 20.65
C LEU A 43 4.94 -15.98 19.94
N GLU A 44 5.19 -17.28 19.80
CA GLU A 44 4.28 -18.18 19.10
C GLU A 44 2.83 -17.87 19.43
N GLU A 45 2.52 -17.94 20.71
CA GLU A 45 1.19 -17.66 21.23
C GLU A 45 0.40 -16.52 20.55
N PHE A 46 1.10 -15.46 20.16
CA PHE A 46 0.46 -14.29 19.51
C PHE A 46 -0.34 -14.58 18.24
N ALA A 47 0.11 -15.56 17.47
CA ALA A 47 -0.57 -15.87 16.23
C ALA A 47 -2.06 -16.22 16.40
N LYS A 48 -2.37 -16.99 17.42
CA LYS A 48 -3.74 -17.41 17.65
C LYS A 48 -4.70 -16.29 18.05
N PHE A 49 -4.17 -15.10 18.32
CA PHE A 49 -5.05 -13.99 18.70
C PHE A 49 -5.10 -12.88 17.68
N ALA A 50 -4.35 -13.00 16.58
CA ALA A 50 -4.36 -11.93 15.58
C ALA A 50 -3.90 -12.40 14.20
N SER A 51 -3.80 -11.45 13.27
CA SER A 51 -3.38 -11.77 11.92
C SER A 51 -2.95 -10.50 11.23
N PHE A 52 -2.09 -10.59 10.22
CA PHE A 52 -1.62 -9.41 9.49
C PHE A 52 -1.26 -9.80 8.05
N GLU A 53 -1.59 -8.92 7.11
CA GLU A 53 -1.28 -9.20 5.71
C GLU A 53 0.03 -8.54 5.29
N ALA A 54 1.07 -9.35 5.29
CA ALA A 54 2.42 -8.90 4.96
C ALA A 54 2.66 -8.12 3.66
N GLN A 55 1.87 -8.35 2.62
CA GLN A 55 2.10 -7.61 1.38
C GLN A 55 1.94 -6.12 1.68
N GLY A 56 1.08 -5.82 2.65
CA GLY A 56 0.85 -4.43 3.01
C GLY A 56 2.15 -3.78 3.41
N ALA A 57 2.81 -4.38 4.37
CA ALA A 57 4.08 -3.87 4.86
C ALA A 57 5.11 -3.75 3.73
N LEU A 58 5.15 -4.76 2.87
CA LEU A 58 6.09 -4.79 1.75
C LEU A 58 5.88 -3.56 0.88
N ALA A 59 4.61 -3.18 0.75
CA ALA A 59 4.24 -2.01 -0.03
C ALA A 59 4.99 -0.84 0.57
N ASN A 60 4.66 -0.56 1.82
CA ASN A 60 5.26 0.53 2.58
C ASN A 60 6.74 0.61 2.39
N ILE A 61 7.40 -0.54 2.41
CA ILE A 61 8.85 -0.53 2.25
C ILE A 61 9.25 -0.08 0.88
N ALA A 62 8.45 -0.46 -0.11
CA ALA A 62 8.74 -0.07 -1.49
C ALA A 62 8.67 1.45 -1.49
N VAL A 63 7.68 1.95 -0.78
CA VAL A 63 7.46 3.39 -0.64
C VAL A 63 8.76 3.99 -0.13
N ASP A 64 9.19 3.50 1.03
CA ASP A 64 10.40 3.97 1.68
C ASP A 64 11.65 3.81 0.85
N LYS A 65 11.66 2.82 -0.05
CA LYS A 65 12.79 2.61 -0.95
C LYS A 65 12.94 3.90 -1.75
N ALA A 66 11.87 4.26 -2.45
CA ALA A 66 11.80 5.46 -3.29
C ALA A 66 12.06 6.72 -2.50
N ASN A 67 11.33 6.88 -1.41
CA ASN A 67 11.47 8.04 -0.56
C ASN A 67 12.94 8.32 -0.27
N LEU A 68 13.70 7.28 0.07
CA LEU A 68 15.12 7.46 0.39
C LEU A 68 15.94 8.06 -0.75
N ASP A 69 15.60 7.71 -1.98
CA ASP A 69 16.33 8.24 -3.14
C ASP A 69 16.10 9.74 -3.19
N VAL A 70 14.84 10.12 -2.94
CA VAL A 70 14.44 11.52 -2.92
C VAL A 70 15.23 12.21 -1.81
N MET A 71 15.14 11.67 -0.59
CA MET A 71 15.84 12.24 0.55
C MET A 71 17.33 12.42 0.33
N LYS A 72 17.97 11.53 -0.42
CA LYS A 72 19.42 11.61 -0.69
C LYS A 72 19.76 12.82 -1.52
N GLU A 73 18.97 13.07 -2.57
CA GLU A 73 19.24 14.22 -3.41
C GLU A 73 18.78 15.50 -2.72
N ARG A 74 17.63 15.42 -2.05
CA ARG A 74 17.07 16.56 -1.33
C ARG A 74 18.07 17.20 -0.37
N SER A 75 18.90 16.39 0.28
CA SER A 75 19.89 16.90 1.24
C SER A 75 21.19 17.38 0.60
N ASN A 76 21.71 16.61 -0.37
CA ASN A 76 22.96 16.99 -0.99
C ASN A 76 24.07 17.05 0.06
N ASN A 77 24.87 15.99 0.16
CA ASN A 77 25.93 15.95 1.15
C ASN A 77 25.40 15.98 2.57
N THR A 78 24.35 15.19 2.82
CA THR A 78 23.73 15.14 4.13
C THR A 78 24.34 14.12 5.06
N PRO A 79 24.78 13.01 4.50
CA PRO A 79 25.39 11.98 5.31
C PRO A 79 26.48 12.53 6.20
N ASP A 80 26.86 11.77 7.22
CA ASP A 80 27.91 12.23 8.11
C ASP A 80 28.33 11.19 9.13
N ALA A 81 27.99 11.44 10.39
CA ALA A 81 28.37 10.54 11.47
C ALA A 81 27.30 9.52 11.82
N ASN A 82 27.69 8.57 12.66
CA ASN A 82 26.82 7.50 13.13
C ASN A 82 26.95 7.36 14.64
N VAL A 83 26.13 6.52 15.21
CA VAL A 83 26.12 6.32 16.65
C VAL A 83 26.55 4.91 17.04
N ALA A 84 27.75 4.79 17.63
CA ALA A 84 28.25 3.51 18.08
C ALA A 84 27.30 2.97 19.15
N PRO A 85 27.17 1.63 19.23
CA PRO A 85 26.28 1.01 20.22
C PRO A 85 26.92 0.68 21.56
N GLU A 86 26.10 0.67 22.60
CA GLU A 86 26.55 0.35 23.95
C GLU A 86 26.13 -1.11 24.10
N VAL A 87 27.04 -1.97 24.55
CA VAL A 87 26.67 -3.36 24.71
C VAL A 87 26.78 -3.87 26.12
N THR A 88 25.82 -4.71 26.47
CA THR A 88 25.76 -5.29 27.80
C THR A 88 25.36 -6.73 27.74
N VAL A 89 26.07 -7.57 28.46
CA VAL A 89 25.77 -8.97 28.45
C VAL A 89 25.45 -9.45 29.85
N LEU A 90 24.40 -10.24 29.96
CA LEU A 90 23.98 -10.79 31.22
C LEU A 90 23.02 -11.98 31.05
N SER A 91 22.88 -12.76 32.13
CA SER A 91 22.04 -13.95 32.14
C SER A 91 20.57 -13.59 32.17
N ARG A 92 19.77 -14.38 31.47
CA ARG A 92 18.33 -14.19 31.40
C ARG A 92 17.63 -14.50 32.71
N SER A 93 18.14 -15.51 33.41
CA SER A 93 17.58 -15.97 34.69
C SER A 93 18.73 -16.39 35.62
N PRO A 94 18.49 -16.42 36.94
CA PRO A 94 19.52 -16.81 37.91
C PRO A 94 20.35 -17.96 37.36
N VAL A 95 21.67 -17.89 37.51
CA VAL A 95 22.53 -18.94 36.99
C VAL A 95 22.83 -20.02 38.02
N ASN A 96 22.55 -21.28 37.67
CA ASN A 96 22.80 -22.44 38.54
C ASN A 96 23.60 -23.46 37.74
N LEU A 97 24.78 -23.85 38.22
CA LEU A 97 25.62 -24.80 37.51
C LEU A 97 24.82 -25.97 36.98
N GLY A 98 25.16 -26.44 35.79
CA GLY A 98 24.46 -27.56 35.19
C GLY A 98 23.09 -27.26 34.59
N GLU A 99 22.40 -26.24 35.11
CA GLU A 99 21.07 -25.87 34.63
C GLU A 99 21.12 -24.91 33.43
N PRO A 100 20.73 -25.40 32.25
CA PRO A 100 20.72 -24.63 31.01
C PRO A 100 20.18 -23.24 31.23
N ASN A 101 20.86 -22.24 30.67
CA ASN A 101 20.47 -20.84 30.79
C ASN A 101 20.62 -20.16 29.44
N ILE A 102 20.39 -18.84 29.43
CA ILE A 102 20.53 -18.02 28.22
C ILE A 102 21.29 -16.73 28.45
N LEU A 103 22.25 -16.45 27.59
CA LEU A 103 22.99 -15.22 27.70
C LEU A 103 22.34 -14.22 26.79
N ILE A 104 22.17 -13.01 27.29
CA ILE A 104 21.58 -11.99 26.47
C ILE A 104 22.62 -10.92 26.16
N CYS A 105 22.80 -10.63 24.88
CA CYS A 105 23.74 -9.58 24.47
C CYS A 105 22.81 -8.48 24.01
N PHE A 106 22.78 -7.41 24.80
CA PHE A 106 21.91 -6.29 24.57
C PHE A 106 22.63 -5.07 23.95
N ILE A 107 22.37 -4.84 22.66
CA ILE A 107 22.96 -3.73 21.89
C ILE A 107 22.05 -2.50 21.93
N ASP A 108 22.54 -1.39 22.49
CA ASP A 108 21.73 -0.19 22.67
C ASP A 108 22.20 1.11 22.02
N LYS A 109 21.26 2.04 21.84
CA LYS A 109 21.49 3.36 21.25
C LYS A 109 22.48 3.42 20.11
N PHE A 110 22.05 3.01 18.92
CA PHE A 110 22.94 3.09 17.76
C PHE A 110 22.17 3.28 16.47
N SER A 111 22.92 3.60 15.42
CA SER A 111 22.38 3.83 14.07
C SER A 111 23.61 4.11 13.22
N PRO A 112 23.58 3.70 11.94
CA PRO A 112 22.48 3.01 11.26
C PRO A 112 22.10 1.69 11.90
N PRO A 113 20.90 1.18 11.59
CA PRO A 113 20.44 -0.08 12.15
C PRO A 113 21.03 -1.31 11.45
N VAL A 114 22.30 -1.58 11.69
CA VAL A 114 22.93 -2.74 11.11
C VAL A 114 24.17 -3.08 11.94
N VAL A 115 24.28 -4.36 12.32
CA VAL A 115 25.39 -4.87 13.12
C VAL A 115 25.86 -6.26 12.75
N ASN A 116 27.05 -6.59 13.22
CA ASN A 116 27.65 -7.89 12.99
C ASN A 116 27.98 -8.41 14.36
N VAL A 117 27.12 -9.29 14.85
CA VAL A 117 27.32 -9.83 16.17
C VAL A 117 27.78 -11.27 16.11
N THR A 118 28.66 -11.61 17.04
CA THR A 118 29.18 -12.95 17.10
C THR A 118 29.32 -13.43 18.54
N TRP A 119 28.80 -14.62 18.80
CA TRP A 119 28.87 -15.21 20.13
C TRP A 119 30.17 -16.01 20.25
N LEU A 120 30.88 -15.80 21.34
CA LEU A 120 32.13 -16.49 21.54
C LEU A 120 32.19 -17.28 22.82
N ARG A 121 32.41 -18.58 22.68
CA ARG A 121 32.52 -19.48 23.83
C ARG A 121 33.98 -19.93 23.92
N ASN A 122 34.69 -19.43 24.92
CA ASN A 122 36.10 -19.78 25.09
C ASN A 122 36.83 -19.35 23.82
N GLY A 123 36.43 -18.19 23.30
CA GLY A 123 37.03 -17.65 22.10
C GLY A 123 36.54 -18.28 20.81
N ARG A 124 35.54 -19.15 20.91
CA ARG A 124 35.02 -19.83 19.74
C ARG A 124 33.65 -19.36 19.27
N PRO A 125 33.48 -19.25 17.94
CA PRO A 125 32.23 -18.81 17.29
C PRO A 125 31.10 -19.81 17.47
N VAL A 126 30.04 -19.41 18.17
CA VAL A 126 28.90 -20.28 18.37
C VAL A 126 27.78 -19.87 17.43
N THR A 127 27.30 -20.80 16.61
CA THR A 127 26.22 -20.47 15.68
C THR A 127 25.00 -21.36 15.88
N GLU A 128 25.09 -22.28 16.83
CA GLU A 128 23.97 -23.16 17.11
C GLU A 128 23.43 -22.78 18.48
N GLY A 129 22.12 -22.69 18.59
CA GLY A 129 21.52 -22.34 19.87
C GLY A 129 21.60 -20.85 20.15
N VAL A 130 21.35 -20.09 19.10
CA VAL A 130 21.40 -18.64 19.20
C VAL A 130 20.20 -18.06 18.46
N SER A 131 19.83 -16.83 18.83
CA SER A 131 18.70 -16.15 18.22
C SER A 131 18.90 -14.65 18.32
N GLU A 132 18.11 -13.90 17.54
CA GLU A 132 18.20 -12.44 17.56
C GLU A 132 16.92 -11.75 17.11
N THR A 133 16.68 -10.54 17.63
CA THR A 133 15.51 -9.75 17.26
C THR A 133 15.93 -8.75 16.21
N VAL A 134 14.93 -8.25 15.51
CA VAL A 134 15.18 -7.25 14.49
C VAL A 134 15.63 -6.01 15.26
N PHE A 135 15.70 -4.87 14.58
CA PHE A 135 16.09 -3.64 15.24
C PHE A 135 14.85 -3.06 15.84
N LEU A 136 14.92 -2.74 17.12
CA LEU A 136 13.79 -2.17 17.83
C LEU A 136 13.96 -0.67 17.97
N PRO A 137 12.84 0.05 18.10
CA PRO A 137 12.89 1.50 18.23
C PRO A 137 13.05 1.93 19.67
N ARG A 138 13.50 3.16 19.85
CA ARG A 138 13.70 3.75 21.16
C ARG A 138 12.87 5.03 21.24
N ASP A 139 12.92 5.75 22.37
CA ASP A 139 12.16 7.01 22.51
C ASP A 139 12.70 8.05 21.53
N ASP A 140 13.92 7.83 21.09
CA ASP A 140 14.59 8.73 20.18
C ASP A 140 14.65 8.20 18.76
N HIS A 141 15.70 8.60 18.08
CA HIS A 141 15.93 8.21 16.70
C HIS A 141 16.93 7.07 16.56
N LEU A 142 17.29 6.39 17.65
CA LEU A 142 18.25 5.30 17.55
C LEU A 142 17.60 3.95 17.81
N PHE A 143 18.35 2.89 17.53
CA PHE A 143 17.82 1.54 17.71
C PHE A 143 18.44 0.70 18.83
N ARG A 144 17.76 -0.39 19.13
CA ARG A 144 18.13 -1.34 20.17
C ARG A 144 17.99 -2.73 19.56
N LYS A 145 18.75 -3.70 20.05
CA LYS A 145 18.67 -5.05 19.50
C LYS A 145 19.23 -6.13 20.42
N PHE A 146 18.49 -7.23 20.51
CA PHE A 146 18.85 -8.36 21.36
C PHE A 146 19.42 -9.57 20.64
N HIS A 147 20.36 -10.21 21.29
CA HIS A 147 20.98 -11.39 20.77
C HIS A 147 20.99 -12.39 21.91
N TYR A 148 20.74 -13.65 21.59
CA TYR A 148 20.68 -14.65 22.63
C TYR A 148 21.58 -15.85 22.34
N LEU A 149 21.98 -16.53 23.40
CA LEU A 149 22.80 -17.71 23.26
C LEU A 149 22.50 -18.65 24.41
N THR A 150 22.19 -19.89 24.09
CA THR A 150 21.88 -20.88 25.11
C THR A 150 23.20 -21.47 25.52
N PHE A 151 23.34 -21.79 26.80
CA PHE A 151 24.60 -22.37 27.27
C PHE A 151 24.43 -23.18 28.56
N LEU A 152 25.47 -23.97 28.83
CA LEU A 152 25.50 -24.79 30.02
C LEU A 152 26.49 -24.19 31.00
N PRO A 153 25.98 -23.62 32.09
CA PRO A 153 26.81 -23.00 33.12
C PRO A 153 27.98 -23.87 33.54
N SER A 154 29.16 -23.27 33.62
CA SER A 154 30.38 -23.94 34.03
C SER A 154 31.29 -22.94 34.71
N THR A 155 32.08 -23.38 35.69
CA THR A 155 32.98 -22.48 36.40
C THR A 155 34.26 -22.19 35.62
N ASP A 156 34.53 -23.05 34.63
CA ASP A 156 35.75 -22.91 33.84
C ASP A 156 35.62 -22.32 32.45
N ASP A 157 34.40 -22.09 31.97
CA ASP A 157 34.24 -21.53 30.64
C ASP A 157 33.91 -20.04 30.68
N PHE A 158 34.24 -19.33 29.61
CA PHE A 158 33.97 -17.89 29.54
C PHE A 158 33.31 -17.54 28.22
N TYR A 159 32.49 -16.49 28.25
CA TYR A 159 31.81 -16.07 27.04
C TYR A 159 32.05 -14.62 26.65
N ASP A 160 31.93 -14.35 25.36
CA ASP A 160 32.14 -13.01 24.81
C ASP A 160 31.08 -12.71 23.76
N CYS A 161 30.62 -11.46 23.75
CA CYS A 161 29.66 -11.00 22.76
C CYS A 161 30.42 -10.03 21.85
N GLU A 162 30.65 -10.38 20.58
CA GLU A 162 31.41 -9.49 19.72
C GLU A 162 30.55 -8.73 18.75
N VAL A 163 30.48 -7.42 18.95
CA VAL A 163 29.67 -6.54 18.12
C VAL A 163 30.51 -5.63 17.23
N ASP A 164 30.12 -5.54 15.96
CA ASP A 164 30.83 -4.69 15.02
C ASP A 164 29.84 -3.70 14.45
N HIS A 165 30.27 -2.47 14.32
CA HIS A 165 29.42 -1.39 13.83
C HIS A 165 30.29 -0.33 13.15
N TRP A 166 29.68 0.44 12.24
CA TRP A 166 30.39 1.50 11.52
C TRP A 166 30.97 2.52 12.47
N GLY A 167 30.27 2.76 13.57
CA GLY A 167 30.74 3.74 14.55
C GLY A 167 31.83 3.21 15.46
N LEU A 168 32.29 1.99 15.21
CA LEU A 168 33.34 1.34 16.01
C LEU A 168 34.70 1.41 15.32
N GLU A 169 35.75 1.70 16.09
CA GLU A 169 37.11 1.73 15.55
C GLU A 169 37.44 0.29 15.13
N GLU A 170 37.32 -0.62 16.10
CA GLU A 170 37.58 -2.04 15.91
C GLU A 170 36.46 -2.80 16.66
N PRO A 171 36.22 -4.08 16.33
CA PRO A 171 35.16 -4.86 16.99
C PRO A 171 35.08 -4.71 18.49
N LEU A 172 33.87 -4.53 19.01
CA LEU A 172 33.67 -4.41 20.43
C LEU A 172 33.54 -5.83 20.99
N ARG A 173 33.92 -6.04 22.25
CA ARG A 173 33.87 -7.39 22.81
C ARG A 173 33.53 -7.44 24.30
N LYS A 174 32.28 -7.79 24.61
CA LYS A 174 31.82 -7.85 26.00
C LYS A 174 31.98 -9.26 26.56
N HIS A 175 32.63 -9.35 27.72
CA HIS A 175 32.92 -10.62 28.39
C HIS A 175 31.91 -10.99 29.47
N TRP A 176 31.82 -12.29 29.77
CA TRP A 176 30.92 -12.80 30.79
C TRP A 176 31.30 -14.20 31.26
N GLU A 177 31.37 -14.37 32.58
CA GLU A 177 31.73 -15.64 33.21
C GLU A 177 30.85 -15.88 34.41
N PHE A 178 30.67 -17.15 34.76
CA PHE A 178 29.85 -17.49 35.91
C PHE A 178 30.56 -17.18 37.21
N GLU A 179 29.75 -16.82 38.22
CA GLU A 179 30.25 -16.51 39.55
C GLU A 179 29.20 -16.96 40.54
N GLU A 180 29.59 -17.77 41.52
CA GLU A 180 28.66 -18.28 42.54
C GLU A 180 28.45 -17.31 43.70
N ALA B 1 32.48 5.43 6.37
CA ALA B 1 31.56 4.84 5.36
C ALA B 1 30.22 5.57 5.38
N PRO B 2 29.71 5.95 4.19
CA PRO B 2 28.44 6.68 4.06
C PRO B 2 27.20 5.79 4.06
N TRP B 3 26.23 6.14 4.91
CA TRP B 3 24.98 5.38 5.01
C TRP B 3 23.80 6.30 4.89
N PHE B 4 22.71 5.82 4.30
CA PHE B 4 21.53 6.64 4.14
C PHE B 4 20.31 5.87 4.61
N LEU B 5 19.61 6.44 5.57
CA LEU B 5 18.45 5.81 6.18
C LEU B 5 17.15 6.58 6.19
N GLU B 6 16.10 5.96 5.68
CA GLU B 6 14.78 6.57 5.68
C GLU B 6 14.11 5.73 6.74
N TYR B 7 13.68 6.37 7.82
CA TYR B 7 13.02 5.67 8.92
C TYR B 7 11.76 6.39 9.40
N SER B 8 10.80 5.62 9.86
CA SER B 8 9.55 6.19 10.34
C SER B 8 8.93 5.42 11.51
N LYS B 9 8.53 6.17 12.52
CA LYS B 9 7.87 5.61 13.70
C LYS B 9 6.45 6.15 13.74
N SER B 10 5.48 5.27 13.89
CA SER B 10 4.09 5.72 13.96
C SER B 10 3.59 5.29 15.32
N GLU B 11 3.71 6.20 16.28
CA GLU B 11 3.31 5.96 17.66
C GLU B 11 1.86 6.27 18.00
N CYS B 12 1.21 5.31 18.62
CA CYS B 12 -0.16 5.51 19.06
C CYS B 12 -0.05 5.55 20.59
N HIS B 13 -0.48 6.65 21.21
CA HIS B 13 -0.42 6.82 22.67
C HIS B 13 -1.83 6.76 23.28
N PHE B 14 -2.00 5.83 24.22
CA PHE B 14 -3.29 5.56 24.86
C PHE B 14 -3.37 5.97 26.34
N TYR B 15 -4.29 6.88 26.68
CA TYR B 15 -4.49 7.36 28.05
C TYR B 15 -5.84 6.91 28.61
N ASN B 16 -5.80 6.00 29.57
CA ASN B 16 -7.01 5.45 30.19
C ASN B 16 -7.89 4.77 29.15
N GLY B 17 -7.40 3.65 28.62
CA GLY B 17 -8.13 2.92 27.61
C GLY B 17 -8.08 3.70 26.29
N THR B 18 -9.07 3.47 25.43
CA THR B 18 -9.14 4.17 24.13
C THR B 18 -9.71 5.56 24.35
N GLN B 19 -10.08 5.84 25.61
CA GLN B 19 -10.66 7.11 26.00
C GLN B 19 -9.96 8.30 25.34
N ARG B 20 -8.64 8.36 25.51
CA ARG B 20 -7.82 9.43 24.94
C ARG B 20 -6.77 8.83 24.03
N VAL B 21 -6.88 9.07 22.73
CA VAL B 21 -5.91 8.51 21.80
C VAL B 21 -5.17 9.64 21.10
N ARG B 22 -3.92 9.39 20.73
CA ARG B 22 -3.16 10.44 20.10
C ARG B 22 -2.08 9.87 19.19
N LEU B 23 -2.24 10.07 17.89
CA LEU B 23 -1.24 9.57 16.96
C LEU B 23 -0.03 10.46 16.99
N LEU B 24 1.10 9.91 16.60
CA LEU B 24 2.34 10.64 16.58
C LEU B 24 3.23 9.96 15.54
N VAL B 25 3.36 10.60 14.39
CA VAL B 25 4.15 10.06 13.32
C VAL B 25 5.41 10.89 13.25
N ARG B 26 6.55 10.23 13.20
CA ARG B 26 7.81 10.94 13.19
C ARG B 26 8.75 10.39 12.14
N TYR B 27 9.22 11.24 11.25
CA TYR B 27 10.13 10.80 10.21
C TYR B 27 11.54 11.24 10.45
N PHE B 28 12.48 10.38 10.06
CA PHE B 28 13.89 10.68 10.19
C PHE B 28 14.60 10.34 8.92
N TYR B 29 15.79 10.89 8.78
CA TYR B 29 16.63 10.64 7.64
C TYR B 29 17.98 10.61 8.34
N ASN B 30 18.51 9.41 8.53
CA ASN B 30 19.76 9.23 9.24
C ASN B 30 19.50 9.58 10.71
N LEU B 31 20.30 10.48 11.26
CA LEU B 31 20.14 10.82 12.66
C LEU B 31 19.20 11.98 12.95
N GLU B 32 18.66 12.59 11.91
CA GLU B 32 17.82 13.76 12.12
C GLU B 32 16.33 13.59 11.91
N GLU B 33 15.54 13.90 12.92
CA GLU B 33 14.08 13.84 12.80
C GLU B 33 13.78 15.09 12.04
N ASN B 34 13.24 14.96 10.84
CA ASN B 34 12.95 16.13 10.02
C ASN B 34 11.48 16.38 9.67
N LEU B 35 10.57 15.62 10.26
CA LEU B 35 9.17 15.83 9.98
C LEU B 35 8.33 15.09 11.00
N ARG B 36 7.09 15.49 11.16
CA ARG B 36 6.21 14.85 12.12
C ARG B 36 4.76 15.16 11.86
N PHE B 37 3.89 14.31 12.40
CA PHE B 37 2.45 14.45 12.24
C PHE B 37 1.79 14.19 13.59
N ASP B 38 1.28 15.27 14.17
CA ASP B 38 0.62 15.25 15.47
C ASP B 38 -0.90 15.17 15.25
N SER B 39 -1.52 14.12 15.78
CA SER B 39 -2.96 13.91 15.66
C SER B 39 -3.75 15.12 16.14
N ASP B 40 -3.39 15.61 17.32
CA ASP B 40 -4.06 16.76 17.90
C ASP B 40 -3.65 18.09 17.26
N VAL B 41 -2.88 17.99 16.18
CA VAL B 41 -2.45 19.16 15.41
C VAL B 41 -3.23 19.13 14.10
N GLY B 42 -3.42 17.93 13.56
CA GLY B 42 -4.17 17.79 12.35
C GLY B 42 -3.37 17.77 11.06
N GLU B 43 -2.13 18.22 11.06
CA GLU B 43 -1.35 18.22 9.83
C GLU B 43 0.15 18.09 10.00
N PHE B 44 0.85 17.90 8.89
CA PHE B 44 2.30 17.74 8.89
C PHE B 44 2.98 18.97 9.47
N ARG B 45 4.11 18.75 10.13
CA ARG B 45 4.87 19.82 10.76
C ARG B 45 6.34 19.56 10.52
N ALA B 46 6.97 20.30 9.62
CA ALA B 46 8.40 20.08 9.40
C ALA B 46 9.08 20.27 10.75
N VAL B 47 10.22 19.62 10.94
CA VAL B 47 10.91 19.78 12.20
C VAL B 47 12.27 20.38 11.86
N THR B 48 12.68 20.17 10.62
CA THR B 48 13.92 20.75 10.14
C THR B 48 13.64 21.14 8.70
N GLU B 49 14.62 21.79 8.10
CA GLU B 49 14.50 22.24 6.72
C GLU B 49 14.21 21.08 5.78
N LEU B 50 15.02 20.04 5.87
CA LEU B 50 14.87 18.88 5.00
C LEU B 50 13.49 18.26 5.06
N GLY B 51 12.67 18.70 6.01
CA GLY B 51 11.35 18.14 6.15
C GLY B 51 10.26 19.08 5.70
N ARG B 52 10.65 20.20 5.10
CA ARG B 52 9.68 21.19 4.62
C ARG B 52 8.88 20.69 3.40
N PRO B 53 9.59 20.42 2.28
CA PRO B 53 8.93 19.95 1.06
C PRO B 53 7.74 19.05 1.31
N ASP B 54 7.96 18.00 2.09
CA ASP B 54 6.90 17.05 2.38
C ASP B 54 5.72 17.66 3.10
N ALA B 55 6.00 18.49 4.10
CA ALA B 55 4.91 19.10 4.83
C ALA B 55 4.07 19.91 3.85
N GLU B 56 4.73 20.78 3.08
CA GLU B 56 4.00 21.60 2.12
C GLU B 56 3.22 20.76 1.09
N ASN B 57 3.88 19.76 0.51
CA ASN B 57 3.23 18.90 -0.48
C ASN B 57 2.11 18.03 0.11
N TRP B 58 2.42 17.34 1.19
CA TRP B 58 1.46 16.46 1.83
C TRP B 58 0.31 17.21 2.52
N ASN B 59 0.56 18.45 2.90
CA ASN B 59 -0.46 19.25 3.56
C ASN B 59 -1.47 19.82 2.57
N SER B 60 -1.08 19.88 1.30
CA SER B 60 -1.93 20.40 0.22
C SER B 60 -2.77 19.30 -0.45
N GLN B 61 -2.96 18.20 0.28
CA GLN B 61 -3.70 17.06 -0.22
C GLN B 61 -4.82 16.70 0.75
N PRO B 62 -5.83 17.56 0.86
CA PRO B 62 -6.98 17.36 1.75
C PRO B 62 -7.56 15.93 1.78
N GLU B 63 -7.35 15.18 0.70
CA GLU B 63 -7.80 13.81 0.62
C GLU B 63 -6.88 12.99 1.53
N PHE B 64 -5.59 13.24 1.37
CA PHE B 64 -4.55 12.55 2.14
C PHE B 64 -4.64 12.91 3.64
N LEU B 65 -4.69 14.21 3.94
CA LEU B 65 -4.77 14.70 5.32
C LEU B 65 -6.05 14.18 6.02
N GLU B 66 -7.06 13.85 5.22
CA GLU B 66 -8.33 13.31 5.69
C GLU B 66 -8.02 11.93 6.27
N GLN B 67 -7.26 11.17 5.50
CA GLN B 67 -6.88 9.82 5.86
C GLN B 67 -6.10 9.74 7.18
N LYS B 68 -4.98 10.46 7.23
CA LYS B 68 -4.11 10.49 8.41
C LYS B 68 -4.91 10.64 9.71
N ARG B 69 -5.65 11.74 9.81
CA ARG B 69 -6.46 12.02 10.98
C ARG B 69 -7.36 10.84 11.30
N ALA B 70 -7.74 10.13 10.25
CA ALA B 70 -8.59 8.97 10.37
C ALA B 70 -7.85 7.87 11.14
N GLU B 71 -6.59 7.66 10.78
CA GLU B 71 -5.76 6.62 11.38
C GLU B 71 -5.82 6.47 12.89
N VAL B 72 -6.23 7.51 13.59
CA VAL B 72 -6.28 7.41 15.04
C VAL B 72 -7.43 6.46 15.41
N ASP B 73 -8.33 6.30 14.45
CA ASP B 73 -9.49 5.44 14.61
C ASP B 73 -9.19 4.15 13.84
N THR B 74 -8.85 4.36 12.56
CA THR B 74 -8.54 3.30 11.62
C THR B 74 -7.47 2.34 12.15
N VAL B 75 -6.39 2.88 12.69
CA VAL B 75 -5.32 2.02 13.20
C VAL B 75 -5.25 1.98 14.72
N CYS B 76 -4.79 3.06 15.34
CA CYS B 76 -4.66 3.14 16.79
C CYS B 76 -5.79 2.46 17.56
N ARG B 77 -6.97 3.06 17.55
CA ARG B 77 -8.13 2.48 18.23
C ARG B 77 -8.28 1.04 17.79
N HIS B 78 -8.40 0.89 16.47
CA HIS B 78 -8.56 -0.37 15.77
C HIS B 78 -7.73 -1.48 16.43
N ASN B 79 -6.40 -1.35 16.32
CA ASN B 79 -5.50 -2.36 16.86
C ASN B 79 -5.58 -2.49 18.37
N TYR B 80 -5.77 -1.38 19.08
CA TYR B 80 -5.84 -1.48 20.54
C TYR B 80 -6.86 -2.55 20.90
N GLU B 81 -8.05 -2.43 20.33
CA GLU B 81 -9.09 -3.39 20.68
C GLU B 81 -8.64 -4.83 20.48
N ILE B 82 -7.78 -5.07 19.49
CA ILE B 82 -7.32 -6.43 19.25
C ILE B 82 -6.33 -6.87 20.32
N PHE B 83 -5.30 -6.06 20.54
CA PHE B 83 -4.28 -6.36 21.54
C PHE B 83 -4.88 -6.47 22.93
N ASP B 84 -5.88 -5.63 23.19
CA ASP B 84 -6.55 -5.61 24.48
C ASP B 84 -6.90 -7.01 24.97
N ASN B 85 -7.03 -7.93 24.02
CA ASN B 85 -7.40 -9.31 24.33
C ASN B 85 -6.36 -10.23 24.94
N PHE B 86 -5.08 -9.98 24.67
CA PHE B 86 -4.01 -10.83 25.22
C PHE B 86 -2.75 -10.08 25.65
N LEU B 87 -2.53 -8.91 25.05
CA LEU B 87 -1.36 -8.12 25.41
C LEU B 87 -1.61 -7.37 26.71
N VAL B 88 -2.56 -6.45 26.68
CA VAL B 88 -2.90 -5.66 27.86
C VAL B 88 -3.04 -6.53 29.12
N PRO B 89 -3.74 -7.67 29.01
CA PRO B 89 -3.94 -8.58 30.14
C PRO B 89 -2.87 -9.63 30.44
N ARG B 90 -1.80 -9.69 29.64
CA ARG B 90 -0.73 -10.68 29.86
C ARG B 90 -0.08 -10.56 31.24
N ARG B 91 0.16 -11.69 31.89
CA ARG B 91 0.79 -11.69 33.21
C ARG B 91 1.66 -12.92 33.43
N VAL B 92 2.85 -12.73 33.99
CA VAL B 92 3.77 -13.84 34.28
C VAL B 92 4.34 -13.63 35.66
N GLU B 93 4.11 -14.59 36.55
CA GLU B 93 4.62 -14.48 37.91
C GLU B 93 6.13 -14.52 37.96
N PRO B 94 6.73 -13.62 38.75
CA PRO B 94 8.18 -13.53 38.90
C PRO B 94 8.71 -14.56 39.88
N THR B 95 9.93 -15.01 39.65
CA THR B 95 10.55 -15.98 40.53
C THR B 95 11.42 -15.21 41.51
N VAL B 96 11.03 -15.25 42.78
CA VAL B 96 11.74 -14.52 43.81
C VAL B 96 12.72 -15.35 44.63
N THR B 97 13.96 -14.92 44.64
CA THR B 97 15.03 -15.60 45.34
C THR B 97 15.95 -14.60 46.07
N VAL B 98 16.41 -14.94 47.27
CA VAL B 98 17.27 -14.04 48.03
C VAL B 98 18.63 -14.68 48.29
N TYR B 99 19.65 -13.88 48.59
CA TYR B 99 20.98 -14.41 48.88
C TYR B 99 21.94 -13.30 49.22
N PRO B 100 22.95 -13.58 50.05
CA PRO B 100 23.95 -12.60 50.48
C PRO B 100 25.16 -12.55 49.57
N THR B 101 25.94 -11.46 49.68
CA THR B 101 27.19 -11.26 48.92
C THR B 101 28.12 -10.26 49.63
N LYS B 102 29.36 -10.19 49.16
CA LYS B 102 30.33 -9.27 49.74
C LYS B 102 30.31 -7.90 49.07
N THR B 103 30.55 -7.88 47.76
CA THR B 103 30.55 -6.63 47.01
C THR B 103 31.72 -5.71 47.33
N GLN B 104 32.22 -5.80 48.56
CA GLN B 104 33.34 -4.97 48.96
C GLN B 104 34.46 -5.79 49.59
N PRO B 105 34.91 -5.36 50.76
CA PRO B 105 35.97 -6.06 51.44
C PRO B 105 35.66 -7.53 51.63
N LEU B 106 35.04 -7.87 52.77
CA LEU B 106 34.69 -9.26 53.04
C LEU B 106 34.51 -9.55 54.52
N GLU B 107 34.53 -10.84 54.88
CA GLU B 107 34.37 -11.24 56.26
C GLU B 107 33.01 -10.90 56.87
N HIS B 108 32.07 -11.84 56.79
CA HIS B 108 30.75 -11.62 57.34
C HIS B 108 29.70 -11.50 56.25
N HIS B 109 29.62 -10.33 55.63
CA HIS B 109 28.64 -10.09 54.57
C HIS B 109 27.95 -8.75 54.78
N ASN B 110 27.75 -7.99 53.71
CA ASN B 110 27.09 -6.69 53.84
C ASN B 110 26.15 -6.32 52.69
N LEU B 111 25.86 -7.27 51.80
CA LEU B 111 24.95 -7.00 50.67
C LEU B 111 23.91 -8.11 50.49
N LEU B 112 22.67 -7.81 50.86
CA LEU B 112 21.59 -8.78 50.75
C LEU B 112 20.78 -8.54 49.48
N VAL B 113 20.86 -9.50 48.54
CA VAL B 113 20.18 -9.43 47.24
C VAL B 113 18.83 -10.12 47.04
N CYS B 114 17.84 -9.34 46.62
CA CYS B 114 16.55 -9.91 46.32
C CYS B 114 16.51 -9.96 44.79
N SER B 115 16.56 -11.16 44.22
CA SER B 115 16.53 -11.35 42.77
C SER B 115 15.10 -11.68 42.29
N VAL B 116 14.51 -10.80 41.51
CA VAL B 116 13.17 -11.04 41.00
C VAL B 116 13.28 -11.12 39.49
N SER B 117 13.00 -12.31 38.95
CA SER B 117 13.11 -12.52 37.50
C SER B 117 11.92 -13.16 36.78
N ASP B 118 11.99 -13.09 35.46
CA ASP B 118 10.99 -13.64 34.56
C ASP B 118 9.57 -13.27 34.95
N PHE B 119 9.23 -11.99 34.79
CA PHE B 119 7.89 -11.47 35.09
C PHE B 119 7.37 -10.43 34.08
N TYR B 120 6.06 -10.21 34.08
CA TYR B 120 5.40 -9.24 33.21
C TYR B 120 4.04 -8.93 33.81
N PRO B 121 3.60 -7.66 33.74
CA PRO B 121 4.28 -6.50 33.15
C PRO B 121 5.41 -5.93 34.01
N GLY B 122 6.03 -4.88 33.51
CA GLY B 122 7.16 -4.25 34.20
C GLY B 122 6.92 -3.54 35.53
N ASN B 123 5.72 -3.04 35.79
CA ASN B 123 5.48 -2.35 37.05
C ASN B 123 5.46 -3.34 38.20
N ILE B 124 6.29 -3.12 39.21
CA ILE B 124 6.35 -4.02 40.35
C ILE B 124 7.01 -3.35 41.55
N GLU B 125 6.70 -3.85 42.74
CA GLU B 125 7.24 -3.30 43.99
C GLU B 125 8.07 -4.31 44.75
N VAL B 126 9.26 -3.90 45.15
CA VAL B 126 10.12 -4.79 45.92
C VAL B 126 10.58 -4.02 47.14
N ARG B 127 10.13 -4.45 48.32
CA ARG B 127 10.46 -3.79 49.58
C ARG B 127 11.33 -4.68 50.49
N TRP B 128 12.15 -4.06 51.31
CA TRP B 128 13.03 -4.78 52.23
C TRP B 128 12.67 -4.51 53.68
N PHE B 129 12.52 -5.56 54.48
CA PHE B 129 12.15 -5.41 55.89
C PHE B 129 13.12 -6.00 56.89
N ARG B 130 13.47 -5.22 57.91
CA ARG B 130 14.38 -5.65 58.96
C ARG B 130 13.54 -5.81 60.22
N ASN B 131 13.32 -7.06 60.62
CA ASN B 131 12.54 -7.36 61.81
C ASN B 131 11.16 -6.68 61.78
N GLY B 132 10.55 -6.59 60.60
CA GLY B 132 9.25 -5.96 60.50
C GLY B 132 9.29 -4.48 60.12
N LYS B 133 10.46 -3.86 60.15
CA LYS B 133 10.55 -2.45 59.78
C LYS B 133 11.15 -2.30 58.39
N GLU B 134 10.46 -1.54 57.53
CA GLU B 134 10.90 -1.32 56.17
C GLU B 134 12.18 -0.49 56.02
N GLU B 135 13.15 -1.04 55.29
CA GLU B 135 14.42 -0.37 55.03
C GLU B 135 14.20 0.58 53.88
N LYS B 136 14.35 1.88 54.14
CA LYS B 136 14.13 2.87 53.10
C LYS B 136 15.41 3.49 52.58
N THR B 137 16.52 3.17 53.23
CA THR B 137 17.80 3.68 52.77
C THR B 137 18.66 2.44 52.59
N GLY B 138 19.82 2.61 51.97
CA GLY B 138 20.71 1.47 51.76
C GLY B 138 20.23 0.52 50.69
N ILE B 139 19.31 0.97 49.85
CA ILE B 139 18.81 0.14 48.77
C ILE B 139 19.60 0.45 47.51
N VAL B 140 19.87 -0.57 46.73
CA VAL B 140 20.61 -0.42 45.48
C VAL B 140 19.85 -1.28 44.48
N SER B 141 19.57 -0.72 43.30
CA SER B 141 18.82 -1.45 42.29
C SER B 141 19.58 -1.52 40.98
N THR B 142 19.29 -2.55 40.18
CA THR B 142 19.91 -2.73 38.87
C THR B 142 18.96 -2.13 37.84
N GLY B 143 17.76 -1.82 38.32
CA GLY B 143 16.74 -1.24 37.46
C GLY B 143 15.84 -2.29 36.85
N LEU B 144 14.90 -1.86 36.02
CA LEU B 144 13.97 -2.77 35.35
C LEU B 144 14.59 -3.27 34.07
N VAL B 145 15.13 -4.48 34.13
CA VAL B 145 15.76 -5.08 32.96
C VAL B 145 14.77 -5.76 32.03
N ARG B 146 14.67 -5.24 30.81
CA ARG B 146 13.79 -5.79 29.79
C ARG B 146 14.63 -6.82 29.03
N ASN B 147 14.13 -8.05 28.88
CA ASN B 147 14.86 -9.11 28.16
C ASN B 147 14.49 -9.24 26.69
N GLY B 148 13.57 -8.41 26.24
CA GLY B 148 13.17 -8.40 24.85
C GLY B 148 12.23 -9.51 24.44
N ASP B 149 12.09 -10.49 25.32
CA ASP B 149 11.23 -11.63 25.08
C ASP B 149 9.97 -11.55 25.93
N TRP B 150 9.48 -10.34 26.13
CA TRP B 150 8.28 -10.07 26.94
C TRP B 150 8.35 -10.53 28.40
N THR B 151 9.52 -10.43 29.02
CA THR B 151 9.70 -10.78 30.42
C THR B 151 10.82 -9.90 30.96
N PHE B 152 10.69 -9.45 32.20
CA PHE B 152 11.71 -8.60 32.79
C PHE B 152 12.47 -9.34 33.88
N GLN B 153 13.35 -8.61 34.54
CA GLN B 153 14.14 -9.12 35.65
C GLN B 153 14.78 -7.93 36.35
N THR B 154 15.12 -8.11 37.62
CA THR B 154 15.71 -7.03 38.39
C THR B 154 16.31 -7.52 39.68
N LEU B 155 17.17 -6.70 40.26
CA LEU B 155 17.81 -7.03 41.52
C LEU B 155 17.68 -5.82 42.42
N VAL B 156 17.25 -6.06 43.65
CA VAL B 156 17.11 -4.99 44.61
C VAL B 156 17.93 -5.43 45.79
N MET B 157 19.00 -4.69 46.04
CA MET B 157 19.90 -5.03 47.12
C MET B 157 19.82 -4.13 48.34
N LEU B 158 20.13 -4.72 49.49
CA LEU B 158 20.14 -3.98 50.73
C LEU B 158 21.52 -4.05 51.34
N GLU B 159 22.01 -2.89 51.76
CA GLU B 159 23.32 -2.76 52.39
C GLU B 159 23.03 -3.00 53.86
N THR B 160 23.71 -3.97 54.46
CA THR B 160 23.45 -4.24 55.86
C THR B 160 24.51 -5.06 56.58
N VAL B 161 24.62 -4.82 57.89
CA VAL B 161 25.54 -5.54 58.75
C VAL B 161 24.65 -6.44 59.60
N PRO B 162 24.47 -7.70 59.16
CA PRO B 162 23.67 -8.75 59.79
C PRO B 162 23.94 -9.03 61.27
N GLN B 163 22.94 -8.80 62.11
CA GLN B 163 23.03 -9.05 63.55
C GLN B 163 22.20 -10.27 63.89
N SER B 164 22.86 -11.38 64.19
CA SER B 164 22.18 -12.62 64.54
C SER B 164 20.96 -12.37 65.42
N GLY B 165 19.80 -12.84 64.94
CA GLY B 165 18.55 -12.64 65.66
C GLY B 165 17.62 -11.81 64.78
N GLU B 166 18.19 -11.20 63.74
CA GLU B 166 17.45 -10.38 62.79
C GLU B 166 16.96 -11.20 61.58
N VAL B 167 15.70 -10.98 61.20
CA VAL B 167 15.08 -11.67 60.07
C VAL B 167 14.77 -10.64 58.98
N TYR B 168 15.48 -10.75 57.86
CA TYR B 168 15.29 -9.85 56.73
C TYR B 168 14.29 -10.45 55.75
N THR B 169 13.33 -9.64 55.27
CA THR B 169 12.34 -10.18 54.36
C THR B 169 12.04 -9.32 53.14
N CYS B 170 12.24 -9.90 51.95
CA CYS B 170 11.98 -9.22 50.70
C CYS B 170 10.49 -9.36 50.43
N GLN B 171 9.86 -8.27 50.01
CA GLN B 171 8.45 -8.28 49.70
C GLN B 171 8.27 -7.91 48.23
N VAL B 172 7.48 -8.69 47.52
CA VAL B 172 7.27 -8.43 46.10
C VAL B 172 5.79 -8.35 45.73
N GLU B 173 5.40 -7.20 45.21
CA GLU B 173 4.01 -7.00 44.83
C GLU B 173 4.00 -6.84 43.32
N HIS B 174 3.04 -7.49 42.67
CA HIS B 174 2.98 -7.44 41.22
C HIS B 174 1.59 -7.85 40.73
N PRO B 175 1.07 -7.19 39.68
CA PRO B 175 -0.24 -7.47 39.10
C PRO B 175 -0.57 -8.95 38.88
N SER B 176 0.47 -9.77 38.67
CA SER B 176 0.30 -11.21 38.45
C SER B 176 0.26 -11.98 39.78
N LEU B 177 0.20 -11.24 40.88
CA LEU B 177 0.16 -11.86 42.20
C LEU B 177 -1.08 -11.45 43.00
N THR B 178 -1.80 -12.45 43.51
CA THR B 178 -2.99 -12.24 44.32
C THR B 178 -2.55 -11.51 45.58
N ASP B 179 -1.56 -12.10 46.25
CA ASP B 179 -1.00 -11.53 47.46
C ASP B 179 0.51 -11.33 47.32
N PRO B 180 1.05 -10.26 47.93
CA PRO B 180 2.48 -10.00 47.86
C PRO B 180 3.33 -11.17 48.34
N VAL B 181 4.32 -11.54 47.53
CA VAL B 181 5.22 -12.62 47.85
C VAL B 181 6.28 -12.12 48.83
N THR B 182 6.75 -13.02 49.67
CA THR B 182 7.76 -12.67 50.64
C THR B 182 8.82 -13.76 50.64
N VAL B 183 10.02 -13.41 51.07
CA VAL B 183 11.13 -14.35 51.14
C VAL B 183 11.95 -13.86 52.33
N GLU B 184 12.22 -14.75 53.28
CA GLU B 184 12.96 -14.34 54.47
C GLU B 184 14.39 -14.87 54.52
N TRP B 185 15.25 -14.19 55.29
CA TRP B 185 16.66 -14.57 55.41
C TRP B 185 17.26 -14.18 56.77
N GLU C 1 -29.00 -7.32 -13.59
CA GLU C 1 -27.84 -6.39 -13.67
C GLU C 1 -26.62 -7.09 -14.25
N GLU C 2 -25.93 -6.43 -15.18
CA GLU C 2 -24.71 -6.94 -15.79
C GLU C 2 -23.72 -5.78 -15.86
N HIS C 3 -22.75 -5.75 -14.94
CA HIS C 3 -21.81 -4.65 -14.91
C HIS C 3 -20.37 -5.09 -14.71
N THR C 4 -19.44 -4.21 -15.06
CA THR C 4 -18.03 -4.50 -14.94
C THR C 4 -17.28 -3.36 -14.28
N ILE C 5 -16.42 -3.70 -13.34
CA ILE C 5 -15.64 -2.69 -12.66
C ILE C 5 -14.19 -3.10 -12.77
N ILE C 6 -13.46 -2.34 -13.58
CA ILE C 6 -12.05 -2.63 -13.82
C ILE C 6 -11.11 -1.61 -13.16
N GLN C 7 -10.07 -2.12 -12.52
CA GLN C 7 -9.08 -1.27 -11.90
C GLN C 7 -7.81 -1.60 -12.62
N ALA C 8 -7.33 -0.64 -13.41
CA ALA C 8 -6.09 -0.89 -14.13
C ALA C 8 -4.96 0.02 -13.69
N GLU C 9 -3.75 -0.54 -13.69
CA GLU C 9 -2.54 0.20 -13.31
C GLU C 9 -1.37 -0.40 -14.02
N PHE C 10 -0.29 0.37 -14.11
CA PHE C 10 0.91 -0.12 -14.76
C PHE C 10 2.06 0.86 -14.65
N TYR C 11 3.24 0.38 -14.98
CA TYR C 11 4.40 1.22 -14.99
C TYR C 11 5.15 0.89 -16.26
N LEU C 12 5.69 1.92 -16.91
CA LEU C 12 6.40 1.71 -18.16
C LEU C 12 7.84 2.14 -18.11
N LEU C 13 8.61 1.66 -19.07
CA LEU C 13 10.02 2.00 -19.15
C LEU C 13 10.44 1.84 -20.60
N PRO C 14 11.39 2.68 -21.07
CA PRO C 14 12.11 3.76 -20.41
C PRO C 14 11.29 4.94 -19.90
N ASP C 15 10.23 5.27 -20.63
CA ASP C 15 9.35 6.37 -20.31
C ASP C 15 9.21 6.73 -18.83
N LYS C 16 9.33 5.74 -17.96
CA LYS C 16 9.22 5.97 -16.52
C LYS C 16 7.83 6.52 -16.13
N ARG C 17 6.80 6.09 -16.84
CA ARG C 17 5.45 6.56 -16.55
C ARG C 17 4.56 5.48 -15.96
N GLY C 18 3.70 5.88 -15.03
CA GLY C 18 2.79 4.94 -14.41
C GLY C 18 1.36 5.43 -14.53
N GLU C 19 0.41 4.55 -14.23
CA GLU C 19 -0.99 4.92 -14.30
C GLU C 19 -1.74 4.07 -13.30
N PHE C 20 -2.90 4.57 -12.92
CA PHE C 20 -3.80 3.86 -12.01
C PHE C 20 -5.15 4.47 -12.33
N MET C 21 -6.16 3.63 -12.53
CA MET C 21 -7.49 4.14 -12.85
C MET C 21 -8.60 3.12 -12.66
N PHE C 22 -9.83 3.62 -12.68
CA PHE C 22 -11.00 2.77 -12.53
C PHE C 22 -11.93 2.93 -13.74
N ASP C 23 -12.48 1.80 -14.18
CA ASP C 23 -13.40 1.77 -15.31
C ASP C 23 -14.73 1.11 -14.92
N PHE C 24 -15.83 1.67 -15.39
CA PHE C 24 -17.14 1.12 -15.11
C PHE C 24 -17.98 0.95 -16.37
N ASP C 25 -17.99 -0.28 -16.88
CA ASP C 25 -18.76 -0.59 -18.09
C ASP C 25 -18.16 0.10 -19.31
N GLY C 26 -16.83 0.03 -19.41
CA GLY C 26 -16.13 0.63 -20.54
C GLY C 26 -15.83 2.12 -20.48
N ASP C 27 -16.23 2.78 -19.40
CA ASP C 27 -15.98 4.22 -19.25
C ASP C 27 -15.06 4.48 -18.05
N GLU C 28 -14.27 5.55 -18.11
CA GLU C 28 -13.38 5.90 -16.99
C GLU C 28 -14.17 6.54 -15.84
N ILE C 29 -13.95 6.07 -14.61
CA ILE C 29 -14.65 6.69 -13.49
C ILE C 29 -13.72 7.78 -12.97
N PHE C 30 -12.42 7.51 -13.02
CA PHE C 30 -11.41 8.45 -12.58
C PHE C 30 -10.05 7.79 -12.66
N HIS C 31 -9.01 8.60 -12.50
CA HIS C 31 -7.66 8.07 -12.48
C HIS C 31 -6.89 8.90 -11.45
N VAL C 32 -5.64 8.52 -11.18
CA VAL C 32 -4.83 9.22 -10.20
C VAL C 32 -3.64 9.90 -10.80
N ASP C 33 -3.57 11.22 -10.58
CA ASP C 33 -2.48 12.00 -11.10
C ASP C 33 -1.22 11.65 -10.31
N ILE C 34 -0.39 10.78 -10.89
CA ILE C 34 0.86 10.34 -10.27
C ILE C 34 1.57 11.55 -9.69
N GLU C 35 1.99 12.43 -10.58
CA GLU C 35 2.71 13.66 -10.25
C GLU C 35 2.09 14.48 -9.13
N LYS C 36 0.85 14.89 -9.35
CA LYS C 36 0.10 15.73 -8.41
C LYS C 36 -0.49 14.95 -7.26
N SER C 37 -0.29 13.63 -7.24
CA SER C 37 -0.82 12.83 -6.14
C SER C 37 -2.30 13.15 -5.83
N GLU C 38 -3.12 13.33 -6.87
CA GLU C 38 -4.53 13.64 -6.65
C GLU C 38 -5.46 12.84 -7.54
N THR C 39 -6.72 12.76 -7.11
CA THR C 39 -7.73 12.03 -7.85
C THR C 39 -8.43 12.87 -8.90
N ILE C 40 -8.49 12.37 -10.13
CA ILE C 40 -9.13 13.10 -11.22
C ILE C 40 -10.37 12.37 -11.70
N TRP C 41 -11.54 12.94 -11.43
CA TRP C 41 -12.78 12.32 -11.85
C TRP C 41 -12.94 12.57 -13.33
N ARG C 42 -13.47 11.60 -14.05
CA ARG C 42 -13.67 11.77 -15.49
C ARG C 42 -14.82 12.74 -15.72
N LEU C 43 -15.69 12.88 -14.72
CA LEU C 43 -16.82 13.81 -14.77
C LEU C 43 -16.93 14.50 -13.41
N GLU C 44 -16.94 15.83 -13.40
CA GLU C 44 -17.01 16.60 -12.16
C GLU C 44 -17.98 15.98 -11.17
N GLU C 45 -19.22 15.87 -11.62
CA GLU C 45 -20.30 15.29 -10.84
C GLU C 45 -19.93 14.10 -9.93
N PHE C 46 -19.04 13.23 -10.39
CA PHE C 46 -18.62 12.04 -9.63
C PHE C 46 -18.04 12.30 -8.24
N ALA C 47 -17.36 13.42 -8.08
CA ALA C 47 -16.74 13.71 -6.80
C ALA C 47 -17.73 13.75 -5.63
N LYS C 48 -18.90 14.35 -5.86
CA LYS C 48 -19.89 14.47 -4.81
C LYS C 48 -20.50 13.16 -4.34
N PHE C 49 -20.22 12.07 -5.04
CA PHE C 49 -20.79 10.78 -4.64
C PHE C 49 -19.75 9.78 -4.16
N ALA C 50 -18.48 10.16 -4.17
CA ALA C 50 -17.45 9.22 -3.71
C ALA C 50 -16.16 9.90 -3.30
N SER C 51 -15.16 9.09 -2.96
CA SER C 51 -13.87 9.62 -2.54
C SER C 51 -12.84 8.52 -2.65
N PHE C 52 -11.56 8.89 -2.80
CA PHE C 52 -10.49 7.91 -2.90
C PHE C 52 -9.18 8.49 -2.37
N GLU C 53 -8.40 7.67 -1.67
CA GLU C 53 -7.14 8.15 -1.13
C GLU C 53 -5.97 7.80 -2.06
N ALA C 54 -5.57 8.79 -2.84
CA ALA C 54 -4.51 8.63 -3.81
C ALA C 54 -3.16 8.05 -3.38
N GLN C 55 -2.75 8.24 -2.12
CA GLN C 55 -1.46 7.69 -1.72
C GLN C 55 -1.51 6.17 -1.90
N GLY C 56 -2.71 5.61 -1.75
CA GLY C 56 -2.88 4.17 -1.90
C GLY C 56 -2.39 3.74 -3.27
N ALA C 57 -2.96 4.36 -4.29
CA ALA C 57 -2.60 4.05 -5.65
C ALA C 57 -1.10 4.24 -5.90
N LEU C 58 -0.56 5.33 -5.36
CA LEU C 58 0.87 5.65 -5.52
C LEU C 58 1.71 4.49 -4.99
N ALA C 59 1.22 3.89 -3.91
CA ALA C 59 1.89 2.77 -3.28
C ALA C 59 2.01 1.70 -4.36
N ASN C 60 0.85 1.25 -4.82
CA ASN C 60 0.75 0.21 -5.84
C ASN C 60 1.70 0.43 -6.97
N ILE C 61 1.82 1.68 -7.41
CA ILE C 61 2.69 1.97 -8.53
C ILE C 61 4.14 1.74 -8.15
N ALA C 62 4.47 2.06 -6.90
CA ALA C 62 5.83 1.88 -6.43
C ALA C 62 6.08 0.39 -6.53
N VAL C 63 5.07 -0.38 -6.15
CA VAL C 63 5.11 -1.82 -6.18
C VAL C 63 5.49 -2.22 -7.61
N ASP C 64 4.65 -1.78 -8.55
CA ASP C 64 4.84 -2.08 -9.96
C ASP C 64 6.16 -1.59 -10.53
N LYS C 65 6.72 -0.54 -9.94
CA LYS C 65 8.03 -0.03 -10.36
C LYS C 65 9.02 -1.18 -10.18
N ALA C 66 9.09 -1.66 -8.93
CA ALA C 66 10.00 -2.75 -8.54
C ALA C 66 9.71 -4.02 -9.33
N ASN C 67 8.45 -4.43 -9.34
CA ASN C 67 8.04 -5.61 -10.04
C ASN C 67 8.63 -5.65 -11.44
N LEU C 68 8.55 -4.52 -12.15
CA LEU C 68 9.06 -4.45 -13.52
C LEU C 68 10.55 -4.76 -13.65
N ASP C 69 11.33 -4.37 -12.65
CA ASP C 69 12.78 -4.62 -12.66
C ASP C 69 12.97 -6.13 -12.61
N VAL C 70 12.18 -6.76 -11.74
CA VAL C 70 12.21 -8.21 -11.57
C VAL C 70 11.85 -8.85 -12.91
N MET C 71 10.69 -8.46 -13.44
CA MET C 71 10.22 -9.00 -14.70
C MET C 71 11.22 -8.88 -15.84
N LYS C 72 12.00 -7.79 -15.86
CA LYS C 72 12.99 -7.58 -16.92
C LYS C 72 14.11 -8.61 -16.87
N GLU C 73 14.60 -8.90 -15.68
CA GLU C 73 15.66 -9.88 -15.56
C GLU C 73 15.09 -11.29 -15.69
N ARG C 74 13.91 -11.51 -15.10
CA ARG C 74 13.24 -12.79 -15.14
C ARG C 74 13.09 -13.32 -16.57
N SER C 75 12.84 -12.43 -17.54
CA SER C 75 12.66 -12.85 -18.93
C SER C 75 13.96 -13.01 -19.70
N ASN C 76 14.88 -12.06 -19.52
CA ASN C 76 16.14 -12.12 -20.26
C ASN C 76 15.86 -12.09 -21.76
N ASN C 77 15.99 -10.91 -22.37
CA ASN C 77 15.73 -10.76 -23.79
C ASN C 77 14.28 -11.04 -24.13
N THR C 78 13.37 -10.49 -23.31
CA THR C 78 11.94 -10.71 -23.51
C THR C 78 11.30 -9.68 -24.43
N PRO C 79 11.79 -8.45 -24.36
CA PRO C 79 11.24 -7.41 -25.21
C PRO C 79 11.19 -7.84 -26.67
N ASP C 80 10.39 -7.12 -27.46
CA ASP C 80 10.29 -7.47 -28.87
C ASP C 80 9.47 -6.47 -29.67
N ALA C 81 8.30 -6.90 -30.12
CA ALA C 81 7.45 -6.05 -30.92
C ALA C 81 6.39 -5.29 -30.13
N ASN C 82 5.72 -4.38 -30.83
CA ASN C 82 4.67 -3.56 -30.24
C ASN C 82 3.46 -3.55 -31.17
N VAL C 83 2.38 -2.94 -30.72
CA VAL C 83 1.16 -2.89 -31.48
C VAL C 83 0.78 -1.48 -31.91
N ALA C 84 0.90 -1.21 -33.20
CA ALA C 84 0.55 0.11 -33.73
C ALA C 84 -0.93 0.35 -33.49
N PRO C 85 -1.34 1.60 -33.28
CA PRO C 85 -2.74 1.94 -33.02
C PRO C 85 -3.57 2.25 -34.25
N GLU C 86 -4.87 1.99 -34.14
CA GLU C 86 -5.81 2.26 -35.22
C GLU C 86 -6.44 3.58 -34.82
N VAL C 87 -6.49 4.54 -35.72
CA VAL C 87 -7.09 5.82 -35.36
C VAL C 87 -8.30 6.18 -36.17
N THR C 88 -9.26 6.78 -35.48
CA THR C 88 -10.50 7.19 -36.11
C THR C 88 -10.94 8.53 -35.57
N VAL C 89 -11.32 9.41 -36.49
CA VAL C 89 -11.74 10.73 -36.09
C VAL C 89 -13.16 11.00 -36.55
N LEU C 90 -13.94 11.55 -35.64
CA LEU C 90 -15.33 11.87 -35.94
C LEU C 90 -15.92 12.87 -34.91
N SER C 91 -17.03 13.49 -35.32
CA SER C 91 -17.71 14.48 -34.49
C SER C 91 -18.45 13.86 -33.34
N ARG C 92 -18.43 14.54 -32.21
CA ARG C 92 -19.09 14.09 -30.99
C ARG C 92 -20.61 14.12 -31.11
N SER C 93 -21.12 15.13 -31.80
CA SER C 93 -22.55 15.34 -31.99
C SER C 93 -22.81 15.87 -33.41
N PRO C 94 -24.03 15.73 -33.94
CA PRO C 94 -24.37 16.21 -35.29
C PRO C 94 -23.70 17.54 -35.55
N VAL C 95 -23.12 17.71 -36.73
CA VAL C 95 -22.43 18.95 -37.06
C VAL C 95 -23.33 19.95 -37.77
N ASN C 96 -23.43 21.16 -37.20
CA ASN C 96 -24.24 22.25 -37.77
C ASN C 96 -23.35 23.49 -37.89
N LEU C 97 -23.21 24.04 -39.09
CA LEU C 97 -22.36 25.20 -39.30
C LEU C 97 -22.56 26.25 -38.23
N GLY C 98 -21.48 26.89 -37.80
CA GLY C 98 -21.58 27.92 -36.77
C GLY C 98 -21.74 27.42 -35.33
N GLU C 99 -22.33 26.25 -35.16
CA GLU C 99 -22.56 25.68 -33.83
C GLU C 99 -21.36 24.88 -33.32
N PRO C 100 -20.69 25.41 -32.30
CA PRO C 100 -19.51 24.78 -31.68
C PRO C 100 -19.72 23.30 -31.50
N ASN C 101 -18.70 22.51 -31.85
CA ASN C 101 -18.74 21.06 -31.73
C ASN C 101 -17.40 20.56 -31.19
N ILE C 102 -17.26 19.23 -31.14
CA ILE C 102 -16.03 18.59 -30.68
C ILE C 102 -15.59 17.44 -31.57
N LEU C 103 -14.31 17.45 -31.91
CA LEU C 103 -13.77 16.38 -32.72
C LEU C 103 -13.17 15.37 -31.79
N ILE C 104 -13.45 14.11 -32.04
CA ILE C 104 -12.87 13.08 -31.21
C ILE C 104 -11.87 12.27 -32.02
N CYS C 105 -10.66 12.15 -31.50
CA CYS C 105 -9.63 11.35 -32.16
C CYS C 105 -9.52 10.14 -31.25
N PHE C 106 -9.99 9.01 -31.76
CA PHE C 106 -10.04 7.77 -31.03
C PHE C 106 -8.92 6.80 -31.42
N ILE C 107 -7.94 6.65 -30.50
CA ILE C 107 -6.78 5.76 -30.70
C ILE C 107 -7.06 4.39 -30.08
N ASP C 108 -7.04 3.34 -30.92
CA ASP C 108 -7.39 1.98 -30.46
C ASP C 108 -6.34 0.88 -30.63
N LYS C 109 -6.52 -0.18 -29.84
CA LYS C 109 -5.66 -1.37 -29.86
C LYS C 109 -4.19 -1.13 -30.06
N PHE C 110 -3.50 -0.69 -29.00
CA PHE C 110 -2.05 -0.46 -29.11
C PHE C 110 -1.36 -0.66 -27.78
N SER C 111 -0.02 -0.72 -27.86
CA SER C 111 0.84 -0.92 -26.70
C SER C 111 2.26 -0.85 -27.27
N PRO C 112 3.22 -0.33 -26.51
CA PRO C 112 3.08 0.20 -25.15
C PRO C 112 2.09 1.35 -25.05
N PRO C 113 1.63 1.65 -23.84
CA PRO C 113 0.68 2.74 -23.63
C PRO C 113 1.33 4.12 -23.60
N VAL C 114 1.75 4.60 -24.77
CA VAL C 114 2.34 5.91 -24.85
C VAL C 114 2.24 6.40 -26.30
N VAL C 115 1.73 7.63 -26.46
CA VAL C 115 1.54 8.26 -27.78
C VAL C 115 1.85 9.75 -27.81
N ASN C 116 2.02 10.25 -29.02
CA ASN C 116 2.27 11.65 -29.27
C ASN C 116 1.22 12.07 -30.23
N VAL C 117 0.18 12.72 -29.70
CA VAL C 117 -0.91 13.14 -30.53
C VAL C 117 -0.89 14.63 -30.73
N THR C 118 -1.27 15.04 -31.94
CA THR C 118 -1.30 16.46 -32.26
C THR C 118 -2.50 16.79 -33.13
N TRP C 119 -3.23 17.83 -32.71
CA TRP C 119 -4.41 18.28 -33.44
C TRP C 119 -3.97 19.29 -34.50
N LEU C 120 -4.46 19.12 -35.71
CA LEU C 120 -4.11 20.00 -36.79
C LEU C 120 -5.30 20.65 -37.45
N ARG C 121 -5.31 21.98 -37.42
CA ARG C 121 -6.38 22.76 -38.05
C ARG C 121 -5.77 23.47 -39.27
N ASN C 122 -6.14 23.01 -40.46
CA ASN C 122 -5.59 23.60 -41.67
C ASN C 122 -4.08 23.44 -41.63
N GLY C 123 -3.64 22.30 -41.14
CA GLY C 123 -2.22 22.02 -41.04
C GLY C 123 -1.53 22.67 -39.86
N ARG C 124 -2.30 23.32 -39.00
CA ARG C 124 -1.74 24.01 -37.85
C ARG C 124 -1.98 23.34 -36.51
N PRO C 125 -0.95 23.34 -35.63
CA PRO C 125 -0.99 22.73 -34.30
C PRO C 125 -1.92 23.47 -33.36
N VAL C 126 -2.97 22.81 -32.91
CA VAL C 126 -3.92 23.42 -31.97
C VAL C 126 -3.64 22.90 -30.56
N THR C 127 -3.39 23.81 -29.62
CA THR C 127 -3.11 23.37 -28.25
C THR C 127 -4.10 23.99 -27.27
N GLU C 128 -5.01 24.80 -27.76
CA GLU C 128 -6.00 25.41 -26.89
C GLU C 128 -7.35 24.80 -27.24
N GLY C 129 -8.12 24.44 -26.22
CA GLY C 129 -9.43 23.86 -26.47
C GLY C 129 -9.33 22.39 -26.85
N VAL C 130 -8.45 21.71 -26.14
CA VAL C 130 -8.21 20.29 -26.38
C VAL C 130 -8.13 19.58 -25.04
N SER C 131 -8.40 18.27 -25.06
CA SER C 131 -8.35 17.46 -23.85
C SER C 131 -8.04 16.01 -24.22
N GLU C 132 -7.65 15.22 -23.23
CA GLU C 132 -7.35 13.81 -23.47
C GLU C 132 -7.52 12.93 -22.23
N THR C 133 -7.84 11.65 -22.45
CA THR C 133 -8.00 10.70 -21.36
C THR C 133 -6.72 9.91 -21.23
N VAL C 134 -6.56 9.30 -20.07
CA VAL C 134 -5.40 8.47 -19.81
C VAL C 134 -5.55 7.28 -20.73
N PHE C 135 -4.74 6.25 -20.54
CA PHE C 135 -4.85 5.06 -21.34
C PHE C 135 -5.89 4.18 -20.70
N LEU C 136 -6.85 3.76 -21.50
CA LEU C 136 -7.92 2.91 -21.00
C LEU C 136 -7.66 1.46 -21.38
N PRO C 137 -8.21 0.53 -20.60
CA PRO C 137 -8.02 -0.89 -20.87
C PRO C 137 -9.06 -1.43 -21.84
N ARG C 138 -8.73 -2.56 -22.44
CA ARG C 138 -9.60 -3.23 -23.39
C ARG C 138 -9.85 -4.65 -22.88
N ASP C 139 -10.63 -5.46 -23.61
CA ASP C 139 -10.91 -6.86 -23.19
C ASP C 139 -9.61 -7.65 -23.20
N ASP C 140 -8.64 -7.15 -23.95
CA ASP C 140 -7.36 -7.82 -24.09
C ASP C 140 -6.26 -7.14 -23.32
N HIS C 141 -5.06 -7.26 -23.86
CA HIS C 141 -3.87 -6.69 -23.25
C HIS C 141 -3.45 -5.37 -23.88
N LEU C 142 -4.29 -4.77 -24.71
CA LEU C 142 -3.92 -3.50 -25.34
C LEU C 142 -4.74 -2.34 -24.81
N PHE C 143 -4.32 -1.12 -25.16
CA PHE C 143 -5.00 0.07 -24.68
C PHE C 143 -5.75 0.88 -25.72
N ARG C 144 -6.58 1.80 -25.20
CA ARG C 144 -7.42 2.68 -26.00
C ARG C 144 -7.25 4.07 -25.39
N LYS C 145 -7.44 5.12 -26.18
CA LYS C 145 -7.29 6.49 -25.67
C LYS C 145 -7.97 7.55 -26.53
N PHE C 146 -8.65 8.47 -25.85
CA PHE C 146 -9.38 9.55 -26.51
C PHE C 146 -8.71 10.91 -26.45
N HIS C 147 -8.87 11.65 -27.53
CA HIS C 147 -8.34 12.98 -27.64
C HIS C 147 -9.49 13.83 -28.17
N TYR C 148 -9.59 15.05 -27.66
CA TYR C 148 -10.68 15.91 -28.07
C TYR C 148 -10.19 17.28 -28.53
N LEU C 149 -11.00 17.91 -29.38
CA LEU C 149 -10.68 19.24 -29.86
C LEU C 149 -11.97 19.97 -30.15
N THR C 150 -12.09 21.16 -29.58
CA THR C 150 -13.29 21.96 -29.79
C THR C 150 -13.06 22.74 -31.06
N PHE C 151 -14.11 22.95 -31.83
CA PHE C 151 -13.95 23.70 -33.07
C PHE C 151 -15.25 24.33 -33.56
N LEU C 152 -15.10 25.28 -34.49
CA LEU C 152 -16.21 25.96 -35.08
C LEU C 152 -16.40 25.45 -36.51
N PRO C 153 -17.46 24.68 -36.74
CA PRO C 153 -17.74 24.12 -38.05
C PRO C 153 -17.65 25.16 -39.17
N SER C 154 -17.00 24.78 -40.26
CA SER C 154 -16.81 25.64 -41.43
C SER C 154 -16.70 24.76 -42.65
N THR C 155 -17.18 25.24 -43.80
CA THR C 155 -17.13 24.46 -45.03
C THR C 155 -15.75 24.50 -45.69
N ASP C 156 -14.96 25.50 -45.29
CA ASP C 156 -13.64 25.68 -45.87
C ASP C 156 -12.43 25.21 -45.07
N ASP C 157 -12.64 24.81 -43.82
CA ASP C 157 -11.51 24.36 -43.00
C ASP C 157 -11.43 22.86 -42.93
N PHE C 158 -10.24 22.34 -42.67
CA PHE C 158 -10.05 20.90 -42.56
C PHE C 158 -9.23 20.55 -41.33
N TYR C 159 -9.48 19.37 -40.77
CA TYR C 159 -8.76 18.96 -39.58
C TYR C 159 -8.03 17.63 -39.73
N ASP C 160 -6.97 17.47 -38.94
CA ASP C 160 -6.16 16.28 -38.94
C ASP C 160 -5.78 15.87 -37.53
N CYS C 161 -5.78 14.57 -37.28
CA CYS C 161 -5.36 14.05 -35.98
C CYS C 161 -4.02 13.34 -36.21
N GLU C 162 -2.93 13.86 -35.67
CA GLU C 162 -1.64 13.23 -35.92
C GLU C 162 -1.14 12.42 -34.74
N VAL C 163 -1.09 11.11 -34.93
CA VAL C 163 -0.65 10.18 -33.90
C VAL C 163 0.70 9.55 -34.20
N ASP C 164 1.56 9.52 -33.19
CA ASP C 164 2.87 8.92 -33.34
C ASP C 164 3.02 7.83 -32.31
N HIS C 165 3.58 6.72 -32.73
CA HIS C 165 3.75 5.56 -31.86
C HIS C 165 4.98 4.76 -32.31
N TRP C 166 5.55 3.99 -31.40
CA TRP C 166 6.72 3.16 -31.69
C TRP C 166 6.44 2.18 -32.81
N GLY C 167 5.20 1.69 -32.86
CA GLY C 167 4.82 0.73 -33.88
C GLY C 167 4.55 1.35 -35.24
N LEU C 168 4.76 2.67 -35.35
CA LEU C 168 4.53 3.40 -36.60
C LEU C 168 5.82 3.67 -37.35
N GLU C 169 5.79 3.50 -38.67
CA GLU C 169 6.97 3.79 -39.50
C GLU C 169 7.21 5.31 -39.41
N GLU C 170 6.16 6.07 -39.74
CA GLU C 170 6.19 7.52 -39.70
C GLU C 170 4.83 7.97 -39.10
N PRO C 171 4.74 9.22 -38.59
CA PRO C 171 3.48 9.71 -38.00
C PRO C 171 2.22 9.39 -38.78
N LEU C 172 1.20 8.93 -38.07
CA LEU C 172 -0.07 8.62 -38.71
C LEU C 172 -0.88 9.92 -38.75
N ARG C 173 -1.76 10.07 -39.73
CA ARG C 173 -2.50 11.32 -39.86
C ARG C 173 -3.93 11.14 -40.38
N LYS C 174 -4.92 11.22 -39.50
CA LYS C 174 -6.32 11.05 -39.87
C LYS C 174 -6.96 12.39 -40.17
N HIS C 175 -7.60 12.48 -41.34
CA HIS C 175 -8.24 13.71 -41.80
C HIS C 175 -9.75 13.77 -41.52
N TRP C 176 -10.29 14.99 -41.48
CA TRP C 176 -11.71 15.19 -41.25
C TRP C 176 -12.16 16.59 -41.67
N GLU C 177 -13.26 16.63 -42.44
CA GLU C 177 -13.84 17.87 -42.95
C GLU C 177 -15.34 17.82 -42.86
N PHE C 178 -15.96 18.98 -42.77
CA PHE C 178 -17.42 19.04 -42.69
C PHE C 178 -18.07 18.73 -44.02
N GLU C 179 -19.24 18.13 -43.95
CA GLU C 179 -20.03 17.79 -45.12
C GLU C 179 -21.50 17.91 -44.74
N GLU C 180 -22.26 18.69 -45.52
CA GLU C 180 -23.68 18.90 -45.26
C GLU C 180 -24.57 17.78 -45.82
N ALA D 1 12.86 0.22 -30.99
CA ALA D 1 13.10 0.72 -29.61
C ALA D 1 12.52 -0.25 -28.58
N PRO D 2 13.30 -0.59 -27.55
CA PRO D 2 12.89 -1.53 -26.50
C PRO D 2 12.06 -0.90 -25.39
N TRP D 3 10.91 -1.51 -25.09
CA TRP D 3 10.02 -1.00 -24.02
C TRP D 3 9.67 -2.13 -23.08
N PHE D 4 9.50 -1.81 -21.80
CA PHE D 4 9.17 -2.83 -20.82
C PHE D 4 8.00 -2.35 -19.98
N LEU D 5 6.93 -3.15 -19.99
CA LEU D 5 5.70 -2.80 -19.30
C LEU D 5 5.16 -3.81 -18.30
N GLU D 6 4.91 -3.34 -17.09
CA GLU D 6 4.33 -4.20 -16.07
C GLU D 6 2.93 -3.61 -16.01
N TYR D 7 1.94 -4.44 -16.29
CA TYR D 7 0.55 -3.97 -16.29
C TYR D 7 -0.38 -4.98 -15.58
N SER D 8 -1.42 -4.44 -14.95
CA SER D 8 -2.35 -5.28 -14.24
C SER D 8 -3.79 -4.78 -14.29
N LYS D 9 -4.71 -5.69 -14.60
CA LYS D 9 -6.14 -5.38 -14.65
C LYS D 9 -6.82 -6.19 -13.55
N SER D 10 -7.62 -5.53 -12.73
CA SER D 10 -8.31 -6.24 -11.67
C SER D 10 -9.80 -6.06 -11.95
N GLU D 11 -10.35 -7.03 -12.67
CA GLU D 11 -11.76 -7.00 -13.08
C GLU D 11 -12.73 -7.61 -12.10
N CYS D 12 -13.78 -6.87 -11.80
CA CYS D 12 -14.82 -7.37 -10.92
C CYS D 12 -16.03 -7.53 -11.87
N HIS D 13 -16.56 -8.76 -11.96
CA HIS D 13 -17.71 -9.07 -12.83
C HIS D 13 -18.97 -9.34 -11.99
N PHE D 14 -20.01 -8.56 -12.26
CA PHE D 14 -21.27 -8.61 -11.53
C PHE D 14 -22.47 -9.17 -12.32
N TYR D 15 -23.05 -10.27 -11.83
CA TYR D 15 -24.21 -10.92 -12.47
C TYR D 15 -25.47 -10.80 -11.61
N ASN D 16 -26.42 -10.00 -12.08
CA ASN D 16 -27.67 -9.74 -11.36
C ASN D 16 -27.40 -9.14 -9.99
N GLY D 17 -26.91 -7.91 -9.99
CA GLY D 17 -26.59 -7.23 -8.74
C GLY D 17 -25.34 -7.84 -8.15
N THR D 18 -25.18 -7.73 -6.83
CA THR D 18 -24.02 -8.29 -6.13
C THR D 18 -24.23 -9.78 -5.92
N GLN D 19 -25.41 -10.25 -6.33
CA GLN D 19 -25.80 -11.64 -6.20
C GLN D 19 -24.66 -12.59 -6.55
N ARG D 20 -24.10 -12.43 -7.74
CA ARG D 20 -23.00 -13.26 -8.21
C ARG D 20 -21.79 -12.37 -8.51
N VAL D 21 -20.73 -12.49 -7.73
CA VAL D 21 -19.55 -11.68 -7.98
C VAL D 21 -18.37 -12.57 -8.33
N ARG D 22 -17.46 -12.05 -9.13
CA ARG D 22 -16.32 -12.86 -9.53
C ARG D 22 -15.11 -12.00 -9.86
N LEU D 23 -14.08 -12.09 -9.04
CA LEU D 23 -12.88 -11.32 -9.29
C LEU D 23 -12.10 -11.97 -10.41
N LEU D 24 -11.29 -11.17 -11.08
CA LEU D 24 -10.48 -11.65 -12.16
C LEU D 24 -9.28 -10.71 -12.26
N VAL D 25 -8.14 -11.20 -11.80
CA VAL D 25 -6.93 -10.41 -11.82
C VAL D 25 -6.06 -10.97 -12.90
N ARG D 26 -5.54 -10.10 -13.76
CA ARG D 26 -4.74 -10.56 -14.86
C ARG D 26 -3.47 -9.72 -15.02
N TYR D 27 -2.34 -10.38 -15.01
CA TYR D 27 -1.07 -9.67 -15.13
C TYR D 27 -0.45 -9.85 -16.48
N PHE D 28 0.21 -8.79 -16.95
CA PHE D 28 0.90 -8.83 -18.23
C PHE D 28 2.27 -8.24 -18.09
N TYR D 29 3.11 -8.54 -19.05
CA TYR D 29 4.45 -8.01 -19.09
C TYR D 29 4.57 -7.81 -20.59
N ASN D 30 4.46 -6.55 -21.01
CA ASN D 30 4.49 -6.21 -22.42
C ASN D 30 3.22 -6.74 -23.05
N LEU D 31 3.34 -7.53 -24.10
CA LEU D 31 2.16 -8.03 -24.78
C LEU D 31 1.65 -9.39 -24.29
N GLU D 32 2.34 -9.97 -23.32
CA GLU D 32 1.95 -11.30 -22.87
C GLU D 32 1.31 -11.39 -21.50
N GLU D 33 0.11 -11.95 -21.44
CA GLU D 33 -0.56 -12.14 -20.15
C GLU D 33 0.14 -13.35 -19.61
N ASN D 34 0.83 -13.20 -18.48
CA ASN D 34 1.58 -14.32 -17.92
C ASN D 34 1.14 -14.80 -16.54
N LEU D 35 0.04 -14.29 -16.03
CA LEU D 35 -0.44 -14.74 -14.74
C LEU D 35 -1.87 -14.28 -14.53
N ARG D 36 -2.57 -14.93 -13.62
CA ARG D 36 -3.95 -14.56 -13.36
C ARG D 36 -4.44 -15.12 -12.05
N PHE D 37 -5.50 -14.51 -11.54
CA PHE D 37 -6.10 -14.91 -10.28
C PHE D 37 -7.62 -14.91 -10.43
N ASP D 38 -8.17 -16.12 -10.45
CA ASP D 38 -9.59 -16.37 -10.60
C ASP D 38 -10.23 -16.55 -9.22
N SER D 39 -11.20 -15.70 -8.89
CA SER D 39 -11.89 -15.76 -7.60
C SER D 39 -12.46 -17.14 -7.34
N ASP D 40 -13.17 -17.67 -8.34
CA ASP D 40 -13.79 -18.97 -8.22
C ASP D 40 -12.80 -20.12 -8.35
N VAL D 41 -11.50 -19.78 -8.38
CA VAL D 41 -10.42 -20.76 -8.45
C VAL D 41 -9.75 -20.75 -7.08
N GLY D 42 -9.63 -19.55 -6.50
CA GLY D 42 -9.04 -19.44 -5.18
C GLY D 42 -7.57 -19.13 -5.13
N GLU D 43 -6.82 -19.34 -6.22
CA GLU D 43 -5.39 -19.06 -6.17
C GLU D 43 -4.78 -18.67 -7.50
N PHE D 44 -3.52 -18.23 -7.46
CA PHE D 44 -2.79 -17.81 -8.65
C PHE D 44 -2.67 -18.93 -9.65
N ARG D 45 -2.67 -18.57 -10.93
CA ARG D 45 -2.59 -19.53 -12.02
C ARG D 45 -1.66 -18.97 -13.07
N ALA D 46 -0.44 -19.48 -13.18
CA ALA D 46 0.45 -18.97 -14.22
C ALA D 46 -0.28 -19.17 -15.54
N VAL D 47 0.03 -18.34 -16.53
CA VAL D 47 -0.61 -18.50 -17.81
C VAL D 47 0.50 -18.78 -18.81
N THR D 48 1.70 -18.38 -18.45
CA THR D 48 2.86 -18.66 -19.28
C THR D 48 3.98 -18.94 -18.29
N GLU D 49 5.12 -19.34 -18.84
CA GLU D 49 6.29 -19.65 -18.03
C GLU D 49 6.69 -18.48 -17.15
N LEU D 50 6.85 -17.32 -17.77
CA LEU D 50 7.28 -16.12 -17.04
C LEU D 50 6.38 -15.79 -15.86
N GLY D 51 5.24 -16.47 -15.76
CA GLY D 51 4.33 -16.19 -14.68
C GLY D 51 4.30 -17.27 -13.63
N ARG D 52 5.22 -18.23 -13.73
CA ARG D 52 5.29 -19.32 -12.77
C ARG D 52 5.79 -18.86 -11.39
N PRO D 53 7.04 -18.35 -11.33
CA PRO D 53 7.61 -17.90 -10.06
C PRO D 53 6.61 -17.26 -9.11
N ASP D 54 5.88 -16.28 -9.62
CA ASP D 54 4.91 -15.58 -8.81
C ASP D 54 3.81 -16.48 -8.29
N ALA D 55 3.29 -17.34 -9.15
CA ALA D 55 2.22 -18.22 -8.72
C ALA D 55 2.74 -19.06 -7.56
N GLU D 56 3.89 -19.71 -7.77
CA GLU D 56 4.46 -20.55 -6.72
C GLU D 56 4.73 -19.77 -5.43
N ASN D 57 5.38 -18.61 -5.55
CA ASN D 57 5.69 -17.80 -4.38
C ASN D 57 4.45 -17.22 -3.68
N TRP D 58 3.58 -16.61 -4.46
CA TRP D 58 2.38 -16.00 -3.92
C TRP D 58 1.35 -17.01 -3.42
N ASN D 59 1.39 -18.21 -3.98
CA ASN D 59 0.47 -19.26 -3.59
C ASN D 59 0.86 -19.90 -2.26
N SER D 60 2.13 -19.75 -1.89
CA SER D 60 2.68 -20.32 -0.64
C SER D 60 2.58 -19.33 0.53
N GLN D 61 1.68 -18.37 0.40
CA GLN D 61 1.48 -17.35 1.41
C GLN D 61 0.01 -17.31 1.84
N PRO D 62 -0.45 -18.35 2.54
CA PRO D 62 -1.83 -18.46 3.02
C PRO D 62 -2.43 -17.18 3.63
N GLU D 63 -1.56 -16.31 4.12
CA GLU D 63 -1.99 -15.04 4.69
C GLU D 63 -2.41 -14.16 3.52
N PHE D 64 -1.55 -14.14 2.50
CA PHE D 64 -1.78 -13.35 1.28
C PHE D 64 -3.00 -13.86 0.51
N LEU D 65 -3.03 -15.17 0.24
CA LEU D 65 -4.12 -15.81 -0.50
C LEU D 65 -5.48 -15.63 0.22
N GLU D 66 -5.40 -15.42 1.54
CA GLU D 66 -6.56 -15.18 2.38
C GLU D 66 -7.14 -13.83 1.96
N GLN D 67 -6.25 -12.85 1.83
CA GLN D 67 -6.61 -11.50 1.46
C GLN D 67 -7.30 -11.42 0.10
N LYS D 68 -6.62 -11.92 -0.94
CA LYS D 68 -7.14 -11.89 -2.31
C LYS D 68 -8.60 -12.33 -2.37
N ARG D 69 -8.86 -13.55 -1.93
CA ARG D 69 -10.21 -14.10 -1.94
C ARG D 69 -11.17 -13.14 -1.24
N ALA D 70 -10.62 -12.42 -0.28
CA ALA D 70 -11.40 -11.46 0.48
C ALA D 70 -11.86 -10.33 -0.44
N GLU D 71 -10.94 -9.85 -1.27
CA GLU D 71 -11.20 -8.73 -2.18
C GLU D 71 -12.51 -8.76 -2.94
N VAL D 72 -13.11 -9.92 -3.10
CA VAL D 72 -14.36 -9.97 -3.83
C VAL D 72 -15.44 -9.30 -3.00
N ASP D 73 -15.15 -9.22 -1.71
CA ASP D 73 -16.06 -8.62 -0.73
C ASP D 73 -15.49 -7.23 -0.43
N THR D 74 -14.23 -7.24 -0.03
CA THR D 74 -13.49 -6.05 0.33
C THR D 74 -13.54 -4.96 -0.74
N VAL D 75 -13.32 -5.33 -1.99
CA VAL D 75 -13.33 -4.35 -3.06
C VAL D 75 -14.59 -4.44 -3.95
N CYS D 76 -14.64 -5.47 -4.79
CA CYS D 76 -15.75 -5.67 -5.71
C CYS D 76 -17.13 -5.30 -5.12
N ARG D 77 -17.63 -6.12 -4.19
CA ARG D 77 -18.90 -5.84 -3.56
C ARG D 77 -18.89 -4.42 -3.03
N HIS D 78 -17.89 -4.16 -2.20
CA HIS D 78 -17.63 -2.89 -1.55
C HIS D 78 -17.95 -1.71 -2.48
N ASN D 79 -17.14 -1.57 -3.52
CA ASN D 79 -17.30 -0.47 -4.46
C ASN D 79 -18.63 -0.52 -5.22
N TYR D 80 -19.10 -1.71 -5.57
CA TYR D 80 -20.37 -1.78 -6.30
C TYR D 80 -21.41 -0.97 -5.54
N GLU D 81 -21.54 -1.25 -4.25
CA GLU D 81 -22.55 -0.55 -3.49
C GLU D 81 -22.42 0.97 -3.60
N ILE D 82 -21.19 1.46 -3.75
CA ILE D 82 -21.01 2.91 -3.85
C ILE D 82 -21.47 3.42 -5.22
N PHE D 83 -20.95 2.79 -6.27
CA PHE D 83 -21.30 3.20 -7.63
C PHE D 83 -22.79 3.04 -7.89
N ASP D 84 -23.36 2.00 -7.30
CA ASP D 84 -24.78 1.71 -7.46
C ASP D 84 -25.64 2.97 -7.29
N ASN D 85 -25.11 3.95 -6.56
CA ASN D 85 -25.81 5.19 -6.28
C ASN D 85 -25.94 6.22 -7.39
N PHE D 86 -24.99 6.24 -8.33
CA PHE D 86 -25.06 7.21 -9.42
C PHE D 86 -24.59 6.68 -10.78
N LEU D 87 -23.77 5.65 -10.76
CA LEU D 87 -23.31 5.07 -12.00
C LEU D 87 -24.37 4.15 -12.59
N VAL D 88 -24.67 3.07 -11.89
CA VAL D 88 -25.68 2.12 -12.33
C VAL D 88 -26.96 2.82 -12.81
N PRO D 89 -27.45 3.80 -12.05
CA PRO D 89 -28.68 4.53 -12.41
C PRO D 89 -28.55 5.72 -13.35
N ARG D 90 -27.35 6.06 -13.80
CA ARG D 90 -27.16 7.20 -14.70
C ARG D 90 -27.95 7.05 -16.00
N ARG D 91 -28.58 8.13 -16.45
CA ARG D 91 -29.34 8.12 -17.70
C ARG D 91 -29.30 9.47 -18.41
N VAL D 92 -29.10 9.44 -19.73
CA VAL D 92 -29.07 10.67 -20.53
C VAL D 92 -29.87 10.44 -21.79
N GLU D 93 -30.91 11.22 -21.98
CA GLU D 93 -31.75 11.08 -23.17
C GLU D 93 -31.00 11.40 -24.45
N PRO D 94 -31.17 10.56 -25.47
CA PRO D 94 -30.51 10.73 -26.77
C PRO D 94 -31.24 11.74 -27.64
N THR D 95 -30.49 12.43 -28.47
CA THR D 95 -31.08 13.40 -29.37
C THR D 95 -31.29 12.71 -30.70
N VAL D 96 -32.55 12.54 -31.08
CA VAL D 96 -32.90 11.87 -32.31
C VAL D 96 -33.22 12.78 -33.49
N THR D 97 -32.49 12.59 -34.57
CA THR D 97 -32.64 13.40 -35.77
C THR D 97 -32.58 12.51 -37.04
N VAL D 98 -33.39 12.81 -38.04
CA VAL D 98 -33.40 12.02 -39.27
C VAL D 98 -33.02 12.87 -40.47
N TYR D 99 -32.58 12.24 -41.56
CA TYR D 99 -32.22 12.99 -42.77
C TYR D 99 -31.77 12.05 -43.87
N PRO D 100 -32.00 12.45 -45.13
CA PRO D 100 -31.63 11.64 -46.29
C PRO D 100 -30.23 11.91 -46.80
N THR D 101 -29.70 10.99 -47.62
CA THR D 101 -28.38 11.10 -48.26
C THR D 101 -28.28 10.24 -49.52
N LYS D 102 -27.23 10.46 -50.30
CA LYS D 102 -27.02 9.68 -51.52
C LYS D 102 -26.21 8.42 -51.28
N THR D 103 -25.00 8.58 -50.75
CA THR D 103 -24.14 7.44 -50.47
C THR D 103 -23.60 6.74 -51.70
N GLN D 104 -24.37 6.79 -52.79
CA GLN D 104 -23.96 6.15 -54.03
C GLN D 104 -24.06 7.10 -55.21
N PRO D 105 -24.70 6.64 -56.28
CA PRO D 105 -24.84 7.46 -57.47
C PRO D 105 -25.44 8.81 -57.16
N LEU D 106 -26.77 8.90 -57.24
CA LEU D 106 -27.45 10.16 -56.96
C LEU D 106 -28.84 10.26 -57.58
N GLU D 107 -29.37 11.48 -57.66
CA GLU D 107 -30.69 11.69 -58.25
C GLU D 107 -31.83 11.04 -57.50
N HIS D 108 -32.44 11.79 -56.58
CA HIS D 108 -33.54 11.26 -55.80
C HIS D 108 -33.18 11.05 -54.34
N HIS D 109 -32.48 9.96 -54.05
CA HIS D 109 -32.07 9.65 -52.69
C HIS D 109 -32.35 8.19 -52.37
N ASN D 110 -31.40 7.52 -51.70
CA ASN D 110 -31.63 6.12 -51.35
C ASN D 110 -31.09 5.70 -49.98
N LEU D 111 -30.69 6.65 -49.15
CA LEU D 111 -30.19 6.34 -47.81
C LEU D 111 -30.79 7.24 -46.73
N LEU D 112 -31.70 6.67 -45.94
CA LEU D 112 -32.36 7.42 -44.88
C LEU D 112 -31.69 7.17 -43.54
N VAL D 113 -31.06 8.22 -42.99
CA VAL D 113 -30.33 8.16 -41.72
C VAL D 113 -31.00 8.60 -40.42
N CYS D 114 -31.02 7.69 -39.45
CA CYS D 114 -31.56 8.03 -38.15
C CYS D 114 -30.32 8.23 -37.28
N SER D 115 -30.06 9.46 -36.87
CA SER D 115 -28.91 9.79 -36.03
C SER D 115 -29.33 9.90 -34.56
N VAL D 116 -28.82 9.00 -33.73
CA VAL D 116 -29.16 9.03 -32.31
C VAL D 116 -27.86 9.29 -31.57
N SER D 117 -27.78 10.46 -30.91
CA SER D 117 -26.56 10.84 -30.18
C SER D 117 -26.72 11.30 -28.74
N ASP D 118 -25.57 11.39 -28.07
CA ASP D 118 -25.46 11.83 -26.70
C ASP D 118 -26.46 11.15 -25.77
N PHE D 119 -26.25 9.86 -25.52
CA PHE D 119 -27.12 9.06 -24.64
C PHE D 119 -26.34 8.06 -23.76
N TYR D 120 -27.00 7.58 -22.70
CA TYR D 120 -26.43 6.60 -21.77
C TYR D 120 -27.59 5.99 -21.01
N PRO D 121 -27.53 4.67 -20.74
CA PRO D 121 -26.46 3.72 -21.10
C PRO D 121 -26.47 3.30 -22.57
N GLY D 122 -25.52 2.44 -22.92
CA GLY D 122 -25.38 1.97 -24.28
C GLY D 122 -26.47 1.10 -24.90
N ASN D 123 -27.22 0.36 -24.10
CA ASN D 123 -28.26 -0.50 -24.66
C ASN D 123 -29.41 0.35 -25.18
N ILE D 124 -29.77 0.17 -26.45
CA ILE D 124 -30.86 0.95 -27.02
C ILE D 124 -31.37 0.29 -28.31
N GLU D 125 -32.62 0.60 -28.65
CA GLU D 125 -33.25 0.03 -29.84
C GLU D 125 -33.64 1.10 -30.84
N VAL D 126 -33.28 0.89 -32.10
CA VAL D 126 -33.63 1.83 -33.13
C VAL D 126 -34.25 1.04 -34.27
N ARG D 127 -35.54 1.26 -34.50
CA ARG D 127 -36.29 0.55 -35.53
C ARG D 127 -36.76 1.49 -36.66
N TRP D 128 -36.89 0.95 -37.87
CA TRP D 128 -37.32 1.73 -39.03
C TRP D 128 -38.67 1.23 -39.55
N PHE D 129 -39.61 2.15 -39.76
CA PHE D 129 -40.94 1.77 -40.24
C PHE D 129 -41.37 2.45 -41.54
N ARG D 130 -41.87 1.63 -42.46
CA ARG D 130 -42.35 2.12 -43.75
C ARG D 130 -43.86 1.99 -43.74
N ASN D 131 -44.56 3.13 -43.64
CA ASN D 131 -46.02 3.14 -43.62
C ASN D 131 -46.58 2.22 -42.54
N GLY D 132 -45.91 2.14 -41.39
CA GLY D 132 -46.39 1.28 -40.33
C GLY D 132 -45.78 -0.12 -40.30
N LYS D 133 -45.05 -0.49 -41.34
CA LYS D 133 -44.44 -1.81 -41.36
C LYS D 133 -42.94 -1.70 -41.11
N GLU D 134 -42.45 -2.48 -40.15
CA GLU D 134 -41.03 -2.48 -39.78
C GLU D 134 -40.08 -3.03 -40.85
N GLU D 135 -39.08 -2.22 -41.19
CA GLU D 135 -38.06 -2.60 -42.18
C GLU D 135 -37.04 -3.45 -41.46
N LYS D 136 -36.94 -4.72 -41.85
CA LYS D 136 -35.99 -5.63 -41.20
C LYS D 136 -34.77 -5.93 -42.05
N THR D 137 -34.78 -5.47 -43.29
CA THR D 137 -33.63 -5.67 -44.15
C THR D 137 -33.27 -4.28 -44.64
N GLY D 138 -32.11 -4.16 -45.27
CA GLY D 138 -31.69 -2.86 -45.77
C GLY D 138 -31.23 -1.91 -44.70
N ILE D 139 -30.95 -2.44 -43.51
CA ILE D 139 -30.47 -1.61 -42.42
C ILE D 139 -28.95 -1.63 -42.41
N VAL D 140 -28.35 -0.49 -42.10
CA VAL D 140 -26.91 -0.36 -42.04
C VAL D 140 -26.63 0.43 -40.77
N SER D 141 -25.71 -0.05 -39.96
CA SER D 141 -25.41 0.64 -38.69
C SER D 141 -23.94 0.98 -38.60
N THR D 142 -23.62 2.01 -37.81
CA THR D 142 -22.24 2.45 -37.59
C THR D 142 -21.77 1.78 -36.31
N GLY D 143 -22.73 1.19 -35.60
CA GLY D 143 -22.45 0.53 -34.34
C GLY D 143 -22.62 1.46 -33.14
N LEU D 144 -22.35 0.94 -31.95
CA LEU D 144 -22.46 1.70 -30.71
C LEU D 144 -21.17 2.46 -30.47
N VAL D 145 -21.15 3.73 -30.83
CA VAL D 145 -19.97 4.56 -30.65
C VAL D 145 -19.87 5.13 -29.25
N ARG D 146 -18.81 4.73 -28.55
CA ARG D 146 -18.53 5.22 -27.20
C ARG D 146 -17.66 6.45 -27.37
N ASN D 147 -18.03 7.58 -26.74
CA ASN D 147 -17.26 8.82 -26.85
C ASN D 147 -16.25 9.04 -25.72
N GLY D 148 -16.21 8.08 -24.79
CA GLY D 148 -15.28 8.14 -23.68
C GLY D 148 -15.64 9.10 -22.58
N ASP D 149 -16.63 9.93 -22.85
CA ASP D 149 -17.10 10.91 -21.88
C ASP D 149 -18.45 10.51 -21.31
N TRP D 150 -18.65 9.19 -21.15
CA TRP D 150 -19.89 8.63 -20.63
C TRP D 150 -21.15 8.92 -21.43
N THR D 151 -21.02 8.99 -22.76
CA THR D 151 -22.16 9.21 -23.64
C THR D 151 -21.85 8.52 -24.95
N PHE D 152 -22.87 7.94 -25.57
CA PHE D 152 -22.66 7.24 -26.83
C PHE D 152 -23.29 8.00 -27.99
N GLN D 153 -23.24 7.36 -29.16
CA GLN D 153 -23.84 7.91 -30.37
C GLN D 153 -23.86 6.80 -31.41
N THR D 154 -24.76 6.90 -32.38
CA THR D 154 -24.87 5.88 -33.39
C THR D 154 -25.73 6.34 -34.56
N LEU D 155 -25.60 5.64 -35.67
CA LEU D 155 -26.37 5.95 -36.86
C LEU D 155 -26.95 4.66 -37.37
N VAL D 156 -28.24 4.68 -37.66
CA VAL D 156 -28.90 3.51 -38.19
C VAL D 156 -29.53 3.97 -39.48
N MET D 157 -29.04 3.43 -40.57
CA MET D 157 -29.52 3.81 -41.88
C MET D 157 -30.41 2.81 -42.57
N LEU D 158 -31.30 3.31 -43.41
CA LEU D 158 -32.19 2.47 -44.17
C LEU D 158 -31.97 2.73 -45.65
N GLU D 159 -31.85 1.64 -46.40
CA GLU D 159 -31.65 1.70 -47.85
C GLU D 159 -33.06 1.73 -48.39
N THR D 160 -33.40 2.74 -49.19
CA THR D 160 -34.75 2.81 -49.71
C THR D 160 -34.94 3.74 -50.90
N VAL D 161 -35.92 3.39 -51.74
CA VAL D 161 -36.29 4.18 -52.90
C VAL D 161 -37.63 4.80 -52.54
N PRO D 162 -37.61 6.04 -52.01
CA PRO D 162 -38.75 6.84 -51.58
C PRO D 162 -39.89 7.01 -52.60
N GLN D 163 -41.07 6.51 -52.25
CA GLN D 163 -42.24 6.61 -53.10
C GLN D 163 -43.21 7.61 -52.46
N SER D 164 -43.32 8.79 -53.07
CA SER D 164 -44.21 9.84 -52.58
C SER D 164 -45.53 9.26 -52.06
N GLY D 165 -45.83 9.55 -50.80
CA GLY D 165 -47.04 9.04 -50.17
C GLY D 165 -46.65 8.16 -49.01
N GLU D 166 -45.37 7.78 -48.97
CA GLU D 166 -44.83 6.93 -47.91
C GLU D 166 -44.24 7.77 -46.77
N VAL D 167 -44.55 7.35 -45.53
CA VAL D 167 -44.06 8.02 -44.32
C VAL D 167 -43.13 7.07 -43.57
N TYR D 168 -41.85 7.44 -43.52
CA TYR D 168 -40.83 6.64 -42.84
C TYR D 168 -40.68 7.12 -41.41
N THR D 169 -40.62 6.20 -40.45
CA THR D 169 -40.48 6.64 -39.06
C THR D 169 -39.47 5.87 -38.23
N CYS D 170 -38.49 6.59 -37.69
CA CYS D 170 -37.46 6.01 -36.85
C CYS D 170 -38.05 5.89 -35.45
N GLN D 171 -37.82 4.74 -34.82
CA GLN D 171 -38.31 4.52 -33.47
C GLN D 171 -37.12 4.29 -32.56
N VAL D 172 -37.09 4.97 -31.43
CA VAL D 172 -35.98 4.83 -30.49
C VAL D 172 -36.44 4.50 -29.08
N GLU D 173 -36.00 3.36 -28.58
CA GLU D 173 -36.37 2.93 -27.24
C GLU D 173 -35.10 2.94 -26.42
N HIS D 174 -35.19 3.46 -25.21
CA HIS D 174 -34.01 3.55 -24.36
C HIS D 174 -34.41 3.74 -22.90
N PRO D 175 -33.68 3.10 -21.97
CA PRO D 175 -33.94 3.18 -20.52
C PRO D 175 -34.22 4.59 -19.98
N SER D 176 -33.67 5.60 -20.64
CA SER D 176 -33.85 7.01 -20.23
C SER D 176 -35.10 7.61 -20.85
N LEU D 177 -35.92 6.77 -21.47
CA LEU D 177 -37.15 7.21 -22.11
C LEU D 177 -38.39 6.49 -21.56
N THR D 178 -39.38 7.28 -21.15
CA THR D 178 -40.64 6.77 -20.62
C THR D 178 -41.30 5.99 -21.76
N ASP D 179 -41.45 6.69 -22.88
CA ASP D 179 -42.05 6.11 -24.08
C ASP D 179 -41.10 6.24 -25.27
N PRO D 180 -41.11 5.22 -26.16
CA PRO D 180 -40.26 5.26 -27.33
C PRO D 180 -40.44 6.51 -28.19
N VAL D 181 -39.32 7.14 -28.53
CA VAL D 181 -39.32 8.33 -29.34
C VAL D 181 -39.47 7.95 -30.79
N THR D 182 -40.10 8.83 -31.56
CA THR D 182 -40.30 8.58 -32.97
C THR D 182 -39.96 9.85 -33.73
N VAL D 183 -39.61 9.69 -35.00
CA VAL D 183 -39.27 10.81 -35.86
C VAL D 183 -39.72 10.37 -37.24
N GLU D 184 -40.54 11.17 -37.90
CA GLU D 184 -41.06 10.80 -39.21
C GLU D 184 -40.45 11.59 -40.37
N TRP D 185 -40.51 11.01 -41.57
CA TRP D 185 -39.93 11.64 -42.77
C TRP D 185 -40.67 11.23 -44.04
N ALA E 1 -9.65 -12.60 16.56
CA ALA E 1 -8.25 -12.58 16.06
C ALA E 1 -8.14 -11.65 14.87
N ASP E 2 -8.96 -10.59 14.87
CA ASP E 2 -8.98 -9.65 13.75
C ASP E 2 -7.64 -9.04 13.34
N LEU E 3 -7.60 -8.66 12.07
CA LEU E 3 -6.42 -8.06 11.44
C LEU E 3 -5.85 -6.83 12.16
N ILE E 4 -4.54 -6.69 12.02
CA ILE E 4 -3.77 -5.60 12.60
C ILE E 4 -3.52 -4.58 11.47
N ALA E 5 -4.25 -3.46 11.49
CA ALA E 5 -4.09 -2.44 10.44
C ALA E 5 -2.79 -1.67 10.57
N TYR E 6 -2.23 -1.28 9.43
CA TYR E 6 -0.98 -0.54 9.44
C TYR E 6 -1.12 0.94 9.11
N PHE E 7 -0.08 1.53 8.51
CA PHE E 7 -0.09 2.96 8.14
C PHE E 7 0.40 3.14 6.72
N LYS E 8 -0.48 3.52 5.80
CA LYS E 8 -0.03 3.68 4.42
C LYS E 8 1.04 4.75 4.30
N ALA E 9 2.27 4.35 4.04
CA ALA E 9 3.36 5.30 3.90
C ALA E 9 3.00 6.38 2.89
N ALA E 10 3.98 7.21 2.55
CA ALA E 10 3.72 8.29 1.60
C ALA E 10 4.89 8.43 0.66
N THR E 11 4.60 9.00 -0.52
CA THR E 11 5.62 9.20 -1.52
C THR E 11 6.18 10.60 -1.42
N LYS E 12 7.49 10.67 -1.25
CA LYS E 12 8.20 11.94 -1.12
C LYS E 12 8.69 12.34 -2.49
N PHE E 13 7.96 13.25 -3.12
CA PHE E 13 8.33 13.70 -4.45
C PHE E 13 9.60 14.53 -4.39
N ALA F 1 -21.14 8.77 0.19
CA ALA F 1 -19.99 9.07 -0.70
C ALA F 1 -18.77 8.30 -0.22
N ASP F 2 -19.01 7.12 0.33
CA ASP F 2 -17.92 6.31 0.88
C ASP F 2 -16.75 6.01 -0.06
N LEU F 3 -15.61 5.76 0.56
CA LEU F 3 -14.36 5.46 -0.13
C LEU F 3 -14.42 4.31 -1.13
N ILE F 4 -13.58 4.44 -2.15
CA ILE F 4 -13.44 3.47 -3.23
C ILE F 4 -12.19 2.62 -2.92
N ALA F 5 -12.38 1.40 -2.45
CA ALA F 5 -11.23 0.53 -2.11
C ALA F 5 -10.50 0.03 -3.34
N TYR F 6 -9.20 -0.16 -3.20
CA TYR F 6 -8.40 -0.63 -4.33
C TYR F 6 -7.92 -2.06 -4.19
N PHE F 7 -6.76 -2.39 -4.78
CA PHE F 7 -6.19 -3.74 -4.71
C PHE F 7 -4.73 -3.68 -4.35
N LYS F 8 -4.36 -4.14 -3.16
CA LYS F 8 -2.95 -4.06 -2.79
C LYS F 8 -2.09 -4.90 -3.71
N ALA F 9 -1.29 -4.24 -4.54
CA ALA F 9 -0.42 -4.95 -5.47
C ALA F 9 0.43 -5.97 -4.73
N ALA F 10 1.39 -6.56 -5.43
CA ALA F 10 2.23 -7.56 -4.81
C ALA F 10 3.67 -7.38 -5.26
N THR F 11 4.58 -7.88 -4.44
CA THR F 11 6.00 -7.78 -4.75
C THR F 11 6.47 -9.06 -5.41
N LYS F 12 7.04 -8.88 -6.60
CA LYS F 12 7.55 -9.99 -7.40
C LYS F 12 9.01 -10.15 -7.08
N PHE F 13 9.32 -11.13 -6.22
CA PHE F 13 10.70 -11.37 -5.84
C PHE F 13 11.48 -11.95 -7.02
#